data_6SMD
#
_entry.id   6SMD
#
_cell.length_a   79.580
_cell.length_b   84.600
_cell.length_c   158.110
_cell.angle_alpha   90.000
_cell.angle_beta   90.000
_cell.angle_gamma   90.000
#
_symmetry.space_group_name_H-M   'P 21 21 21'
#
loop_
_entity.id
_entity.type
_entity.pdbx_description
1 polymer 'Acyl carrier protein'
2 polymer 'Malonyl CoA-acyl carrier protein transacylase'
#
loop_
_entity_poly.entity_id
_entity_poly.type
_entity_poly.pdbx_seq_one_letter_code
_entity_poly.pdbx_strand_id
1 'polypeptide(L)'
;GSSHHHHHHSGDPASMNNHPEVKIKTILSLFLNINIDDFNMDANLADAYDMD(4HH)TELADLAKEIEKEFGISVTKSQF
SHWETGRAVLDFVSSSLNDKN
;
A
2 'polypeptide(L)'
;MSEFAMVFPGQGSQDLGMLADLATAFPVVEQTFAEASDVLGYDLWALVQQGPEEELNKTWQTQPALLAASVAIWRVWQEK
GGKAPSLMAGHSLGEYSALVCAGVIDFKQAIRLVELRGKLMQEAVPEGTGAMYVIIGLDNESIDRACKEVAQGQIVSPVN
FNSPGQVVIAGEKEAVERAGDACKAAGAKRALPLAVSVPSHCALMKPAADKLAVVLEGIEFGYPQFPVVNNVDVKIEQSA
EAIRHALVRQLYNPVRWTETVEFITEQGVGQLLEIGPGRVLTGLTKRIVNTLSAAAVNDTASLITALENN
;
B,C
#
# COMPACT_ATOMS: atom_id res chain seq x y z
N ASN A 18 0.18 11.49 -45.07
CA ASN A 18 -0.12 12.84 -45.64
C ASN A 18 -1.08 13.61 -44.72
N HIS A 19 -1.06 14.94 -44.83
CA HIS A 19 -1.90 15.84 -44.02
C HIS A 19 -1.75 15.56 -42.50
N PRO A 20 -0.50 15.68 -41.98
CA PRO A 20 -0.28 15.38 -40.56
C PRO A 20 -0.97 16.34 -39.59
N GLU A 21 -0.84 17.65 -39.84
CA GLU A 21 -1.45 18.67 -38.98
C GLU A 21 -2.96 18.51 -38.83
N VAL A 22 -3.63 18.10 -39.92
CA VAL A 22 -5.09 17.93 -39.92
C VAL A 22 -5.48 16.75 -39.01
N LYS A 23 -4.71 15.67 -39.08
CA LYS A 23 -4.94 14.47 -38.27
C LYS A 23 -4.50 14.63 -36.82
N ILE A 24 -3.36 15.30 -36.62
CA ILE A 24 -2.87 15.62 -35.26
C ILE A 24 -3.85 16.58 -34.55
N LYS A 25 -4.42 17.53 -35.30
CA LYS A 25 -5.51 18.37 -34.80
C LYS A 25 -6.77 17.55 -34.47
N THR A 26 -7.11 16.62 -35.37
CA THR A 26 -8.30 15.75 -35.20
C THR A 26 -8.20 14.83 -33.97
N ILE A 27 -7.04 14.18 -33.79
CA ILE A 27 -6.85 13.19 -32.72
C ILE A 27 -6.84 13.86 -31.33
N LEU A 28 -6.02 14.90 -31.18
CA LEU A 28 -5.90 15.62 -29.90
C LEU A 28 -7.18 16.39 -29.50
N SER A 29 -7.95 16.84 -30.50
CA SER A 29 -9.25 17.46 -30.26
C SER A 29 -10.25 16.44 -29.69
N LEU A 30 -10.33 15.28 -30.33
CA LEU A 30 -11.20 14.18 -29.87
C LEU A 30 -10.75 13.54 -28.54
N PHE A 31 -9.44 13.57 -28.27
CA PHE A 31 -8.89 13.02 -27.03
C PHE A 31 -9.32 13.84 -25.80
N LEU A 32 -9.21 15.16 -25.92
CA LEU A 32 -9.49 16.09 -24.82
C LEU A 32 -10.97 16.50 -24.70
N ASN A 33 -11.83 16.01 -25.60
CA ASN A 33 -13.27 16.33 -25.64
C ASN A 33 -13.52 17.83 -25.83
N ILE A 34 -12.90 18.37 -26.88
CA ILE A 34 -13.06 19.79 -27.26
C ILE A 34 -13.20 19.89 -28.79
N ASN A 35 -13.70 21.02 -29.26
CA ASN A 35 -13.81 21.28 -30.70
C ASN A 35 -12.43 21.53 -31.31
N ILE A 36 -12.31 21.37 -32.63
CA ILE A 36 -11.04 21.58 -33.34
C ILE A 36 -10.61 23.04 -33.21
N ASP A 37 -11.59 23.93 -33.36
CA ASP A 37 -11.37 25.39 -33.32
C ASP A 37 -10.79 25.86 -31.98
N ASP A 38 -11.24 25.22 -30.90
CA ASP A 38 -10.79 25.56 -29.54
C ASP A 38 -9.35 25.11 -29.25
N PHE A 39 -8.95 23.96 -29.82
CA PHE A 39 -7.60 23.43 -29.65
C PHE A 39 -6.55 24.33 -30.30
N ASN A 40 -5.41 24.48 -29.63
CA ASN A 40 -4.30 25.31 -30.08
C ASN A 40 -3.04 24.46 -30.16
N MET A 41 -2.42 24.43 -31.34
CA MET A 41 -1.15 23.73 -31.56
C MET A 41 0.02 24.34 -30.76
N ASP A 42 -0.01 25.66 -30.61
CA ASP A 42 1.04 26.39 -29.88
C ASP A 42 1.00 26.15 -28.37
N ALA A 43 -0.18 25.84 -27.83
CA ALA A 43 -0.38 25.71 -26.39
C ALA A 43 0.32 24.51 -25.76
N ASN A 44 0.53 24.59 -24.45
CA ASN A 44 1.29 23.60 -23.67
C ASN A 44 0.40 22.48 -23.12
N LEU A 45 0.50 21.28 -23.70
CA LEU A 45 -0.31 20.13 -23.29
C LEU A 45 -0.34 19.80 -21.80
N ALA A 46 0.74 20.12 -21.07
CA ALA A 46 0.86 19.78 -19.64
C ALA A 46 -0.32 20.27 -18.79
N ASP A 47 -0.58 21.57 -18.81
CA ASP A 47 -1.76 22.15 -18.12
C ASP A 47 -2.56 23.20 -18.93
N ALA A 48 -2.30 23.33 -20.23
CA ALA A 48 -3.23 24.04 -21.11
C ALA A 48 -4.49 23.19 -21.26
N TYR A 49 -4.29 21.89 -21.42
CA TYR A 49 -5.38 20.90 -21.50
C TYR A 49 -5.40 19.86 -20.38
N ASP A 50 -4.39 19.89 -19.50
CA ASP A 50 -4.38 19.09 -18.26
C ASP A 50 -4.38 17.58 -18.54
N MET A 51 -3.48 17.13 -19.41
CA MET A 51 -3.26 15.71 -19.63
C MET A 51 -1.96 15.29 -18.95
N ASP A 52 -2.03 14.23 -18.15
CA ASP A 52 -0.91 13.76 -17.33
C ASP A 52 0.02 12.84 -18.16
N THR A 54 0.36 9.44 -18.19
CA THR A 54 -0.25 8.21 -18.73
C THR A 54 -1.18 8.49 -19.91
N GLU A 55 -1.97 9.56 -19.80
CA GLU A 55 -2.82 10.03 -20.92
C GLU A 55 -2.01 10.33 -22.17
N LEU A 56 -0.79 10.84 -21.98
CA LEU A 56 0.17 11.05 -23.07
C LEU A 56 0.66 9.71 -23.64
N ALA A 57 0.91 8.74 -22.75
CA ALA A 57 1.22 7.36 -23.17
C ALA A 57 0.07 6.69 -23.94
N ASP A 58 -1.17 6.96 -23.54
CA ASP A 58 -2.35 6.48 -24.27
C ASP A 58 -2.51 7.15 -25.64
N LEU A 59 -2.20 8.45 -25.70
CA LEU A 59 -2.19 9.19 -26.97
C LEU A 59 -1.12 8.64 -27.91
N ALA A 60 0.08 8.42 -27.37
CA ALA A 60 1.21 7.85 -28.11
C ALA A 60 0.81 6.58 -28.88
N LYS A 61 0.04 5.71 -28.23
CA LYS A 61 -0.46 4.47 -28.85
C LYS A 61 -1.43 4.73 -30.02
N GLU A 62 -2.27 5.76 -29.90
CA GLU A 62 -3.15 6.17 -30.99
C GLU A 62 -2.37 6.72 -32.19
N ILE A 63 -1.25 7.39 -31.92
CA ILE A 63 -0.34 7.87 -32.97
C ILE A 63 0.37 6.70 -33.66
N GLU A 64 0.79 5.69 -32.89
CA GLU A 64 1.40 4.48 -33.46
C GLU A 64 0.45 3.78 -34.44
N LYS A 65 -0.80 3.63 -34.01
CA LYS A 65 -1.84 2.95 -34.79
C LYS A 65 -2.24 3.73 -36.04
N GLU A 66 -2.26 5.06 -35.94
CA GLU A 66 -2.68 5.94 -37.03
C GLU A 66 -1.67 5.96 -38.18
N PHE A 67 -0.42 6.30 -37.86
CA PHE A 67 0.62 6.54 -38.88
C PHE A 67 1.50 5.32 -39.19
N GLY A 68 1.46 4.28 -38.36
CA GLY A 68 2.28 3.09 -38.56
C GLY A 68 3.74 3.33 -38.24
N ILE A 69 4.00 3.96 -37.10
CA ILE A 69 5.36 4.25 -36.62
C ILE A 69 5.49 3.84 -35.15
N SER A 70 6.73 3.58 -34.72
CA SER A 70 7.02 3.16 -33.35
C SER A 70 7.38 4.36 -32.48
N VAL A 71 6.93 4.35 -31.23
CA VAL A 71 7.31 5.35 -30.23
C VAL A 71 7.53 4.70 -28.86
N THR A 72 8.55 5.17 -28.13
CA THR A 72 8.94 4.65 -26.82
C THR A 72 8.70 5.70 -25.73
N LYS A 73 8.89 5.32 -24.47
CA LYS A 73 8.58 6.27 -23.36
C LYS A 73 9.47 7.51 -23.51
N SER A 74 10.75 7.32 -23.76
CA SER A 74 11.65 8.48 -23.92
C SER A 74 11.13 9.48 -24.96
N GLN A 75 10.56 8.96 -26.05
CA GLN A 75 10.09 9.80 -27.15
C GLN A 75 8.78 10.54 -26.85
N PHE A 76 7.72 9.80 -26.50
CA PHE A 76 6.39 10.42 -26.29
C PHE A 76 6.29 11.32 -25.05
N SER A 77 7.14 11.08 -24.05
CA SER A 77 7.16 11.88 -22.82
C SER A 77 7.62 13.34 -23.04
N HIS A 78 8.43 13.57 -24.07
CA HIS A 78 8.94 14.90 -24.40
C HIS A 78 7.97 15.82 -25.16
N TRP A 79 6.79 15.32 -25.54
CA TRP A 79 5.79 16.13 -26.25
C TRP A 79 5.09 17.11 -25.30
N GLU A 80 5.50 18.38 -25.36
CA GLU A 80 4.86 19.44 -24.58
C GLU A 80 3.80 20.21 -25.37
N THR A 81 4.04 20.44 -26.67
CA THR A 81 3.10 21.13 -27.55
C THR A 81 2.44 20.17 -28.53
N GLY A 82 1.37 20.64 -29.17
CA GLY A 82 0.70 19.90 -30.25
C GLY A 82 1.56 19.81 -31.50
N ARG A 83 2.36 20.84 -31.75
CA ARG A 83 3.32 20.85 -32.87
C ARG A 83 4.47 19.87 -32.66
N ALA A 84 4.93 19.74 -31.41
CA ALA A 84 5.96 18.75 -31.04
C ALA A 84 5.57 17.31 -31.40
N VAL A 85 4.27 17.01 -31.37
CA VAL A 85 3.76 15.70 -31.79
C VAL A 85 3.84 15.58 -33.32
N LEU A 86 3.46 16.64 -34.03
CA LEU A 86 3.51 16.70 -35.50
C LEU A 86 4.94 16.48 -36.02
N ASP A 87 5.88 17.23 -35.46
CA ASP A 87 7.30 17.19 -35.89
C ASP A 87 7.95 15.81 -35.73
N PHE A 88 7.54 15.08 -34.69
CA PHE A 88 7.97 13.69 -34.48
C PHE A 88 7.47 12.78 -35.60
N VAL A 89 6.20 12.92 -35.95
CA VAL A 89 5.55 12.09 -36.98
C VAL A 89 6.14 12.34 -38.38
N SER A 90 6.41 13.61 -38.70
CA SER A 90 7.01 13.98 -39.98
C SER A 90 8.41 13.40 -40.18
N SER A 91 9.22 13.43 -39.12
CA SER A 91 10.57 12.87 -39.15
C SER A 91 10.58 11.34 -39.21
N SER A 92 9.61 10.70 -38.55
CA SER A 92 9.47 9.23 -38.57
C SER A 92 9.06 8.71 -39.94
N LEU A 93 8.08 9.37 -40.56
CA LEU A 93 7.63 9.04 -41.92
C LEU A 93 8.70 9.37 -42.99
N ASN A 94 9.49 10.42 -42.74
CA ASN A 94 10.60 10.79 -43.64
C ASN A 94 11.71 9.74 -43.61
N ASP A 95 12.14 9.37 -42.41
CA ASP A 95 13.17 8.34 -42.22
C ASP A 95 12.61 6.95 -42.47
N MET B 1 -2.54 23.33 12.13
CA MET B 1 -1.26 22.98 11.43
C MET B 1 -1.46 21.88 10.39
N SER B 2 -1.21 22.21 9.12
CA SER B 2 -1.23 21.23 8.04
C SER B 2 0.03 20.37 8.06
N GLU B 3 0.00 19.26 7.33
CA GLU B 3 1.13 18.34 7.23
C GLU B 3 1.37 17.93 5.77
N PHE B 4 2.65 17.80 5.40
CA PHE B 4 3.04 17.32 4.08
C PHE B 4 4.12 16.25 4.22
N ALA B 5 4.25 15.41 3.19
CA ALA B 5 5.27 14.36 3.13
C ALA B 5 6.06 14.47 1.83
N MET B 6 7.31 14.03 1.88
CA MET B 6 8.18 13.99 0.71
C MET B 6 8.23 12.58 0.15
N VAL B 7 8.08 12.45 -1.18
CA VAL B 7 8.18 11.16 -1.86
C VAL B 7 9.29 11.22 -2.90
N PHE B 8 10.11 10.16 -2.96
CA PHE B 8 11.30 10.12 -3.80
C PHE B 8 11.11 9.09 -4.93
N PRO B 9 11.35 9.51 -6.18
CA PRO B 9 11.11 8.63 -7.33
C PRO B 9 12.14 7.52 -7.47
N GLY B 10 11.74 6.43 -8.12
CA GLY B 10 12.61 5.30 -8.37
C GLY B 10 13.24 5.36 -9.75
N GLN B 11 13.41 4.19 -10.37
CA GLN B 11 14.02 4.07 -11.69
C GLN B 11 13.05 4.33 -12.83
N GLY B 12 13.53 5.01 -13.87
CA GLY B 12 12.69 5.49 -14.97
C GLY B 12 12.34 6.97 -14.94
N SER B 13 12.59 7.63 -13.81
CA SER B 13 12.35 9.07 -13.66
C SER B 13 13.53 9.93 -14.15
N GLN B 14 14.69 9.29 -14.34
CA GLN B 14 15.88 9.98 -14.83
C GLN B 14 15.78 10.29 -16.33
N ASP B 15 16.22 11.50 -16.71
CA ASP B 15 16.32 11.91 -18.11
C ASP B 15 17.50 12.88 -18.28
N LEU B 16 17.80 13.20 -19.54
CA LEU B 16 18.94 14.07 -19.88
C LEU B 16 18.65 15.51 -19.49
N GLY B 17 19.64 16.18 -18.90
CA GLY B 17 19.51 17.57 -18.46
C GLY B 17 18.57 17.79 -17.29
N MET B 18 18.44 16.78 -16.43
CA MET B 18 17.66 16.92 -15.19
C MET B 18 18.39 17.85 -14.22
N LEU B 19 17.62 18.72 -13.56
CA LEU B 19 18.14 19.75 -12.65
C LEU B 19 19.03 20.82 -13.34
N ALA B 20 18.85 21.01 -14.65
CA ALA B 20 19.61 22.00 -15.41
C ALA B 20 19.17 23.43 -15.05
N ASP B 21 17.86 23.60 -14.88
CA ASP B 21 17.27 24.87 -14.45
C ASP B 21 17.64 25.19 -13.00
N LEU B 22 17.57 24.19 -12.12
CA LEU B 22 17.88 24.36 -10.70
C LEU B 22 19.38 24.56 -10.41
N ALA B 23 20.24 23.98 -11.26
CA ALA B 23 21.69 24.12 -11.12
C ALA B 23 22.18 25.57 -11.30
N THR B 24 21.53 26.30 -12.21
CA THR B 24 21.83 27.72 -12.42
C THR B 24 21.38 28.59 -11.24
N ALA B 25 20.23 28.25 -10.66
CA ALA B 25 19.67 28.97 -9.51
C ALA B 25 20.35 28.65 -8.17
N PHE B 26 20.90 27.44 -8.03
CA PHE B 26 21.52 26.98 -6.78
C PHE B 26 22.87 26.29 -7.04
N PRO B 27 23.98 26.83 -6.47
CA PRO B 27 25.29 26.15 -6.57
C PRO B 27 25.37 24.78 -5.87
N VAL B 28 24.58 24.57 -4.82
CA VAL B 28 24.59 23.32 -4.04
C VAL B 28 24.20 22.07 -4.85
N VAL B 29 23.45 22.24 -5.93
CA VAL B 29 23.07 21.14 -6.82
C VAL B 29 24.30 20.51 -7.46
N GLU B 30 25.13 21.33 -8.10
CA GLU B 30 26.37 20.86 -8.73
C GLU B 30 27.43 20.40 -7.72
N GLN B 31 27.40 20.95 -6.50
CA GLN B 31 28.26 20.49 -5.40
C GLN B 31 27.93 19.07 -4.95
N THR B 32 26.64 18.71 -4.97
CA THR B 32 26.18 17.37 -4.60
C THR B 32 26.67 16.32 -5.59
N PHE B 33 26.52 16.60 -6.88
CA PHE B 33 27.04 15.73 -7.95
C PHE B 33 28.58 15.68 -7.96
N ALA B 34 29.23 16.78 -7.59
CA ALA B 34 30.69 16.83 -7.46
C ALA B 34 31.21 15.92 -6.34
N GLU B 35 30.49 15.89 -5.22
CA GLU B 35 30.78 14.95 -4.13
C GLU B 35 30.58 13.49 -4.56
N ALA B 36 29.51 13.24 -5.31
CA ALA B 36 29.22 11.91 -5.85
C ALA B 36 30.24 11.48 -6.92
N SER B 37 30.73 12.44 -7.70
CA SER B 37 31.75 12.18 -8.74
C SER B 37 33.09 11.74 -8.17
N ASP B 38 33.45 12.25 -6.99
CA ASP B 38 34.69 11.85 -6.30
C ASP B 38 34.66 10.39 -5.87
N VAL B 39 33.49 9.92 -5.46
CA VAL B 39 33.26 8.53 -5.09
C VAL B 39 33.33 7.64 -6.34
N LEU B 40 32.53 8.01 -7.34
CA LEU B 40 32.37 7.20 -8.56
C LEU B 40 33.62 7.11 -9.44
N GLY B 41 34.40 8.19 -9.49
CA GLY B 41 35.59 8.27 -10.34
C GLY B 41 35.34 8.80 -11.74
N TYR B 42 34.12 9.27 -12.01
CA TYR B 42 33.78 9.99 -13.23
C TYR B 42 32.82 11.13 -12.92
N ASP B 43 32.81 12.14 -13.79
CA ASP B 43 31.97 13.32 -13.59
C ASP B 43 30.50 12.94 -13.85
N LEU B 44 29.76 12.71 -12.75
CA LEU B 44 28.36 12.27 -12.82
C LEU B 44 27.44 13.35 -13.39
N TRP B 45 27.74 14.61 -13.08
CA TRP B 45 27.01 15.76 -13.65
C TRP B 45 27.18 15.81 -15.18
N ALA B 46 28.41 15.64 -15.65
CA ALA B 46 28.71 15.62 -17.09
C ALA B 46 27.99 14.49 -17.83
N LEU B 47 27.87 13.33 -17.20
CA LEU B 47 27.11 12.20 -17.76
C LEU B 47 25.63 12.51 -17.89
N VAL B 48 25.05 13.12 -16.86
CA VAL B 48 23.62 13.45 -16.83
C VAL B 48 23.22 14.47 -17.90
N GLN B 49 23.98 15.56 -18.00
CA GLN B 49 23.63 16.67 -18.89
C GLN B 49 23.88 16.33 -20.37
N GLN B 50 25.14 16.02 -20.65
CA GLN B 50 25.63 15.67 -22.02
C GLN B 50 25.04 14.34 -22.49
N GLY B 51 24.92 13.34 -21.62
CA GLY B 51 24.39 12.04 -22.06
C GLY B 51 25.53 11.13 -22.47
N PRO B 52 25.31 10.07 -23.28
CA PRO B 52 24.04 9.79 -23.92
C PRO B 52 23.14 9.02 -22.96
N GLU B 53 21.84 8.96 -23.24
CA GLU B 53 20.89 8.29 -22.32
C GLU B 53 21.27 6.81 -22.19
N GLU B 54 21.67 6.17 -23.28
CA GLU B 54 21.94 4.72 -23.23
C GLU B 54 22.89 4.36 -22.08
N GLU B 55 23.86 5.22 -21.81
CA GLU B 55 24.74 5.09 -20.63
C GLU B 55 23.98 5.40 -19.33
N LEU B 56 23.12 6.42 -19.37
CA LEU B 56 22.28 6.81 -18.22
C LEU B 56 21.24 5.74 -17.84
N ASN B 57 20.82 4.93 -18.81
CA ASN B 57 19.89 3.81 -18.55
C ASN B 57 20.55 2.53 -18.00
N LYS B 58 21.89 2.50 -17.92
CA LYS B 58 22.61 1.37 -17.31
C LYS B 58 22.45 1.48 -15.79
N THR B 59 21.86 0.46 -15.17
CA THR B 59 21.38 0.54 -13.78
C THR B 59 22.42 1.00 -12.74
N TRP B 60 23.68 0.57 -12.89
CA TRP B 60 24.75 0.97 -11.97
C TRP B 60 25.15 2.46 -12.11
N GLN B 61 24.90 3.05 -13.27
CA GLN B 61 25.06 4.49 -13.50
C GLN B 61 23.75 5.27 -13.31
N THR B 62 22.61 4.61 -13.53
CA THR B 62 21.27 5.20 -13.36
C THR B 62 21.01 5.64 -11.91
N GLN B 63 21.27 4.72 -10.97
CA GLN B 63 20.85 4.91 -9.58
C GLN B 63 21.67 5.95 -8.80
N PRO B 64 23.01 6.00 -8.98
CA PRO B 64 23.78 7.12 -8.41
C PRO B 64 23.35 8.51 -8.90
N ALA B 65 22.95 8.60 -10.18
CA ALA B 65 22.43 9.86 -10.74
C ALA B 65 21.11 10.28 -10.11
N LEU B 66 20.20 9.31 -9.92
CA LEU B 66 18.92 9.55 -9.22
C LEU B 66 19.10 9.92 -7.75
N LEU B 67 20.05 9.25 -7.07
CA LEU B 67 20.35 9.52 -5.67
C LEU B 67 20.95 10.92 -5.49
N ALA B 68 21.93 11.25 -6.34
CA ALA B 68 22.55 12.58 -6.33
C ALA B 68 21.57 13.69 -6.74
N ALA B 69 20.65 13.37 -7.65
CA ALA B 69 19.60 14.31 -8.07
C ALA B 69 18.60 14.56 -6.93
N SER B 70 18.08 13.48 -6.36
CA SER B 70 17.06 13.57 -5.29
C SER B 70 17.56 14.25 -4.02
N VAL B 71 18.80 13.94 -3.62
CA VAL B 71 19.43 14.57 -2.44
C VAL B 71 19.73 16.05 -2.69
N ALA B 72 20.09 16.40 -3.94
CA ALA B 72 20.34 17.80 -4.32
C ALA B 72 19.10 18.70 -4.19
N ILE B 73 17.91 18.14 -4.39
CA ILE B 73 16.66 18.89 -4.20
C ILE B 73 16.42 19.10 -2.69
N TRP B 74 16.61 18.04 -1.91
CA TRP B 74 16.50 18.08 -0.45
C TRP B 74 17.47 19.08 0.20
N ARG B 75 18.69 19.15 -0.32
CA ARG B 75 19.70 20.11 0.16
C ARG B 75 19.30 21.56 -0.16
N VAL B 76 18.72 21.79 -1.33
CA VAL B 76 18.18 23.11 -1.71
C VAL B 76 16.98 23.48 -0.82
N TRP B 77 16.11 22.51 -0.56
CA TRP B 77 14.96 22.71 0.34
C TRP B 77 15.41 23.07 1.77
N GLN B 78 16.41 22.35 2.26
CA GLN B 78 16.95 22.58 3.61
C GLN B 78 17.80 23.86 3.70
N GLU B 79 18.43 24.25 2.59
CA GLU B 79 19.23 25.48 2.53
C GLU B 79 18.35 26.73 2.58
N LYS B 80 17.27 26.74 1.81
CA LYS B 80 16.30 27.84 1.80
C LYS B 80 15.53 28.02 3.12
N GLY B 81 15.43 26.94 3.91
CA GLY B 81 14.75 26.97 5.21
C GLY B 81 13.29 26.61 5.07
N GLY B 82 13.04 25.49 4.38
CA GLY B 82 11.68 25.01 4.16
C GLY B 82 11.09 24.32 5.36
N LYS B 83 9.78 24.05 5.28
CA LYS B 83 9.06 23.36 6.35
C LYS B 83 9.51 21.90 6.43
N ALA B 84 9.61 21.38 7.65
CA ALA B 84 10.04 20.00 7.88
C ALA B 84 8.90 19.03 7.53
N PRO B 85 9.21 17.97 6.75
CA PRO B 85 8.15 17.01 6.37
C PRO B 85 7.76 16.08 7.52
N SER B 86 6.49 15.71 7.56
CA SER B 86 5.95 14.82 8.59
C SER B 86 6.37 13.36 8.37
N LEU B 87 6.33 12.92 7.11
CA LEU B 87 6.74 11.56 6.74
C LEU B 87 7.63 11.57 5.51
N MET B 88 8.31 10.44 5.28
CA MET B 88 9.09 10.19 4.07
C MET B 88 8.78 8.80 3.53
N ALA B 89 8.89 8.67 2.21
CA ALA B 89 8.67 7.39 1.52
C ALA B 89 9.35 7.46 0.16
N GLY B 90 9.74 6.30 -0.38
CA GLY B 90 10.49 6.27 -1.63
C GLY B 90 10.29 5.01 -2.43
N HIS B 91 10.07 5.19 -3.74
CA HIS B 91 9.76 4.08 -4.65
C HIS B 91 11.05 3.46 -5.19
N SER B 92 11.14 2.13 -5.12
CA SER B 92 12.28 1.37 -5.68
C SER B 92 13.64 1.81 -5.10
N LEU B 93 14.31 2.74 -5.77
CA LEU B 93 15.57 3.33 -5.27
C LEU B 93 15.29 4.39 -4.20
N GLY B 94 14.15 5.08 -4.34
CA GLY B 94 13.72 6.13 -3.41
C GLY B 94 13.90 5.89 -1.92
N GLU B 95 13.82 4.62 -1.49
CA GLU B 95 14.17 4.24 -0.12
C GLU B 95 15.58 4.72 0.25
N TYR B 96 16.54 4.50 -0.64
CA TYR B 96 17.93 4.95 -0.43
C TYR B 96 18.03 6.48 -0.43
N SER B 97 17.28 7.14 -1.31
CA SER B 97 17.18 8.61 -1.30
C SER B 97 16.55 9.14 -0.01
N ALA B 98 15.46 8.50 0.41
CA ALA B 98 14.76 8.85 1.65
C ALA B 98 15.60 8.59 2.89
N LEU B 99 16.30 7.45 2.93
CA LEU B 99 17.19 7.10 4.04
C LEU B 99 18.41 8.04 4.16
N VAL B 100 18.93 8.50 3.02
CA VAL B 100 20.00 9.51 3.00
C VAL B 100 19.49 10.86 3.50
N CYS B 101 18.32 11.28 3.01
CA CYS B 101 17.67 12.52 3.46
C CYS B 101 17.22 12.45 4.92
N ALA B 102 16.81 11.26 5.38
CA ALA B 102 16.39 11.05 6.77
C ALA B 102 17.55 11.02 7.78
N GLY B 103 18.79 10.86 7.30
CA GLY B 103 19.97 10.82 8.16
C GLY B 103 20.32 9.42 8.64
N VAL B 104 19.86 8.40 7.91
CA VAL B 104 20.13 7.00 8.25
C VAL B 104 21.47 6.59 7.65
N ILE B 105 21.66 6.88 6.37
CA ILE B 105 22.88 6.55 5.63
C ILE B 105 23.60 7.84 5.21
N ASP B 106 24.93 7.81 5.21
CA ASP B 106 25.74 8.93 4.72
C ASP B 106 25.65 9.00 3.19
N PHE B 107 25.70 10.22 2.64
CA PHE B 107 25.52 10.45 1.21
C PHE B 107 26.61 9.80 0.36
N LYS B 108 27.87 10.08 0.69
CA LYS B 108 29.01 9.51 -0.04
C LYS B 108 29.11 7.99 0.12
N GLN B 109 28.75 7.48 1.29
CA GLN B 109 28.66 6.04 1.55
C GLN B 109 27.53 5.39 0.73
N ALA B 110 26.40 6.09 0.64
CA ALA B 110 25.24 5.61 -0.12
C ALA B 110 25.51 5.50 -1.63
N ILE B 111 26.34 6.39 -2.18
CA ILE B 111 26.71 6.35 -3.60
C ILE B 111 27.46 5.05 -3.96
N ARG B 112 28.37 4.61 -3.09
CA ARG B 112 29.06 3.33 -3.26
C ARG B 112 28.10 2.14 -3.16
N LEU B 113 27.26 2.16 -2.12
CA LEU B 113 26.22 1.14 -1.93
C LEU B 113 25.27 1.05 -3.14
N VAL B 114 24.78 2.20 -3.59
CA VAL B 114 23.83 2.28 -4.70
C VAL B 114 24.46 1.89 -6.04
N GLU B 115 25.71 2.29 -6.29
CA GLU B 115 26.45 1.86 -7.48
C GLU B 115 26.69 0.35 -7.45
N LEU B 116 27.19 -0.14 -6.32
CA LEU B 116 27.46 -1.57 -6.13
C LEU B 116 26.19 -2.41 -6.25
N ARG B 117 25.11 -1.93 -5.66
CA ARG B 117 23.78 -2.56 -5.77
C ARG B 117 23.38 -2.79 -7.22
N GLY B 118 23.61 -1.79 -8.08
CA GLY B 118 23.35 -1.89 -9.51
C GLY B 118 24.18 -2.96 -10.20
N LYS B 119 25.45 -3.08 -9.80
CA LYS B 119 26.35 -4.11 -10.35
C LYS B 119 25.96 -5.53 -9.92
N LEU B 120 25.57 -5.70 -8.65
CA LEU B 120 25.12 -7.00 -8.13
C LEU B 120 23.83 -7.49 -8.80
N MET B 121 22.90 -6.57 -9.03
CA MET B 121 21.66 -6.85 -9.76
C MET B 121 21.93 -7.26 -11.21
N GLN B 122 22.90 -6.59 -11.83
CA GLN B 122 23.28 -6.88 -13.23
C GLN B 122 24.02 -8.22 -13.37
N GLU B 123 24.76 -8.63 -12.33
CA GLU B 123 25.38 -9.95 -12.30
C GLU B 123 24.35 -11.10 -12.22
N ALA B 124 23.24 -10.85 -11.53
CA ALA B 124 22.16 -11.85 -11.41
C ALA B 124 21.42 -12.02 -12.73
N VAL B 125 20.89 -10.91 -13.26
CA VAL B 125 20.21 -10.89 -14.55
C VAL B 125 21.08 -10.10 -15.54
N PRO B 126 21.70 -10.79 -16.53
CA PRO B 126 22.51 -10.07 -17.53
C PRO B 126 21.68 -9.14 -18.45
N GLU B 127 22.38 -8.36 -19.26
CA GLU B 127 21.74 -7.36 -20.13
C GLU B 127 21.02 -8.06 -21.29
N GLY B 128 19.72 -7.81 -21.42
CA GLY B 128 18.88 -8.46 -22.43
C GLY B 128 18.20 -9.75 -22.00
N THR B 129 18.47 -10.21 -20.77
CA THR B 129 17.82 -11.40 -20.22
C THR B 129 16.41 -11.09 -19.70
N GLY B 130 16.24 -9.91 -19.10
CA GLY B 130 14.97 -9.50 -18.50
C GLY B 130 14.52 -8.10 -18.89
N ALA B 131 13.24 -7.82 -18.66
CA ALA B 131 12.64 -6.51 -18.96
C ALA B 131 11.42 -6.26 -18.07
N MET B 132 10.97 -5.01 -18.04
CA MET B 132 9.84 -4.58 -17.21
C MET B 132 8.74 -3.92 -18.06
N TYR B 133 7.48 -4.17 -17.69
CA TYR B 133 6.31 -3.71 -18.44
C TYR B 133 5.27 -3.08 -17.51
N VAL B 134 4.95 -1.81 -17.75
CA VAL B 134 3.85 -1.13 -17.05
C VAL B 134 2.55 -1.51 -17.75
N ILE B 135 1.62 -2.11 -17.00
CA ILE B 135 0.31 -2.52 -17.53
C ILE B 135 -0.77 -1.61 -16.95
N ILE B 136 -1.38 -0.81 -17.83
CA ILE B 136 -2.35 0.23 -17.44
C ILE B 136 -3.77 -0.22 -17.79
N GLY B 137 -4.73 0.15 -16.94
CA GLY B 137 -6.15 -0.07 -17.20
C GLY B 137 -6.61 -1.51 -17.08
N LEU B 138 -6.17 -2.19 -16.03
CA LEU B 138 -6.60 -3.55 -15.74
C LEU B 138 -6.44 -3.87 -14.25
N ASP B 139 -7.36 -4.68 -13.73
CA ASP B 139 -7.34 -5.07 -12.30
C ASP B 139 -6.17 -6.00 -11.97
N ASN B 140 -5.89 -6.13 -10.69
CA ASN B 140 -4.69 -6.85 -10.21
C ASN B 140 -4.81 -8.38 -10.38
N GLU B 141 -6.01 -8.92 -10.17
CA GLU B 141 -6.27 -10.36 -10.37
C GLU B 141 -6.01 -10.78 -11.81
N SER B 142 -6.57 -10.02 -12.76
CA SER B 142 -6.43 -10.31 -14.20
C SER B 142 -4.99 -10.26 -14.67
N ILE B 143 -4.21 -9.30 -14.14
CA ILE B 143 -2.76 -9.23 -14.39
C ILE B 143 -2.04 -10.41 -13.74
N ASP B 144 -2.37 -10.67 -12.47
CA ASP B 144 -1.76 -11.78 -11.70
C ASP B 144 -2.02 -13.13 -12.36
N ARG B 145 -3.25 -13.34 -12.86
CA ARG B 145 -3.58 -14.54 -13.63
C ARG B 145 -2.73 -14.63 -14.90
N ALA B 146 -2.77 -13.56 -15.70
CA ALA B 146 -2.07 -13.48 -17.00
C ALA B 146 -0.59 -13.88 -16.94
N CYS B 147 0.10 -13.53 -15.86
CA CYS B 147 1.49 -13.92 -15.65
C CYS B 147 1.64 -15.43 -15.41
N LYS B 148 0.72 -16.01 -14.63
CA LYS B 148 0.74 -17.45 -14.33
C LYS B 148 0.41 -18.33 -15.54
N GLU B 149 -0.49 -17.84 -16.40
CA GLU B 149 -0.90 -18.58 -17.61
C GLU B 149 0.25 -18.73 -18.62
N VAL B 150 1.04 -17.66 -18.75
CA VAL B 150 2.06 -17.54 -19.79
C VAL B 150 3.49 -17.76 -19.26
N ALA B 151 3.64 -18.04 -17.96
CA ALA B 151 4.96 -18.24 -17.34
C ALA B 151 5.78 -19.33 -18.04
N GLN B 152 5.19 -20.53 -18.15
CA GLN B 152 5.81 -21.69 -18.81
C GLN B 152 7.17 -22.07 -18.19
N GLY B 153 7.18 -22.21 -16.87
CA GLY B 153 8.40 -22.57 -16.13
C GLY B 153 9.46 -21.48 -16.07
N GLN B 154 9.05 -20.23 -16.23
CA GLN B 154 9.94 -19.07 -16.14
C GLN B 154 9.35 -18.04 -15.19
N ILE B 155 10.20 -17.21 -14.60
CA ILE B 155 9.79 -16.31 -13.52
C ILE B 155 9.11 -15.08 -14.12
N VAL B 156 7.81 -14.94 -13.84
CA VAL B 156 7.04 -13.72 -14.14
C VAL B 156 6.13 -13.42 -12.95
N SER B 157 6.04 -12.15 -12.59
CA SER B 157 5.23 -11.72 -11.45
C SER B 157 4.93 -10.22 -11.50
N PRO B 158 3.74 -9.80 -11.00
CA PRO B 158 3.50 -8.36 -10.84
C PRO B 158 4.21 -7.85 -9.60
N VAL B 159 5.07 -6.85 -9.77
CA VAL B 159 6.03 -6.43 -8.72
C VAL B 159 5.77 -5.04 -8.13
N ASN B 160 5.47 -4.04 -8.97
CA ASN B 160 5.17 -2.69 -8.47
C ASN B 160 3.68 -2.42 -8.60
N PHE B 161 3.03 -2.16 -7.46
CA PHE B 161 1.63 -1.78 -7.42
C PHE B 161 1.56 -0.27 -7.19
N ASN B 162 1.73 0.46 -8.27
CA ASN B 162 1.85 1.92 -8.24
C ASN B 162 0.53 2.61 -7.93
N SER B 163 -0.54 2.15 -8.58
CA SER B 163 -1.88 2.71 -8.38
C SER B 163 -2.95 1.68 -8.77
N PRO B 164 -4.23 1.96 -8.44
CA PRO B 164 -5.28 1.09 -8.97
C PRO B 164 -5.47 1.32 -10.47
N GLY B 165 -5.24 0.28 -11.27
CA GLY B 165 -5.19 0.40 -12.73
C GLY B 165 -3.82 0.74 -13.28
N GLN B 166 -2.77 0.50 -12.48
CA GLN B 166 -1.38 0.60 -12.98
C GLN B 166 -0.48 -0.34 -12.19
N VAL B 167 -0.06 -1.46 -12.78
CA VAL B 167 0.82 -2.46 -12.16
C VAL B 167 1.98 -2.73 -13.09
N VAL B 168 3.19 -2.81 -12.53
CA VAL B 168 4.39 -3.16 -13.28
C VAL B 168 4.71 -4.63 -13.05
N ILE B 169 5.08 -5.33 -14.12
CA ILE B 169 5.51 -6.73 -14.07
C ILE B 169 6.98 -6.82 -14.42
N ALA B 170 7.66 -7.84 -13.91
CA ALA B 170 9.07 -8.07 -14.18
C ALA B 170 9.41 -9.56 -14.11
N GLY B 171 10.43 -9.95 -14.87
CA GLY B 171 10.81 -11.34 -14.99
C GLY B 171 11.75 -11.58 -16.15
N GLU B 172 11.69 -12.78 -16.73
CA GLU B 172 12.47 -13.11 -17.93
C GLU B 172 11.84 -12.46 -19.16
N LYS B 173 12.69 -11.92 -20.03
CA LYS B 173 12.30 -11.00 -21.12
C LYS B 173 11.15 -11.52 -21.98
N GLU B 174 11.34 -12.68 -22.59
CA GLU B 174 10.33 -13.30 -23.46
C GLU B 174 9.04 -13.63 -22.67
N ALA B 175 9.21 -14.11 -21.44
CA ALA B 175 8.07 -14.44 -20.57
C ALA B 175 7.26 -13.19 -20.19
N VAL B 176 7.95 -12.08 -19.95
CA VAL B 176 7.30 -10.78 -19.72
C VAL B 176 6.63 -10.26 -20.99
N GLU B 177 7.33 -10.38 -22.13
CA GLU B 177 6.79 -9.99 -23.45
C GLU B 177 5.54 -10.80 -23.82
N ARG B 178 5.59 -12.11 -23.60
CA ARG B 178 4.43 -12.99 -23.81
C ARG B 178 3.31 -12.73 -22.80
N ALA B 179 3.68 -12.37 -21.56
CA ALA B 179 2.70 -11.98 -20.52
C ALA B 179 2.02 -10.65 -20.83
N GLY B 180 2.79 -9.69 -21.34
CA GLY B 180 2.27 -8.37 -21.72
C GLY B 180 1.21 -8.39 -22.80
N ASP B 181 1.37 -9.31 -23.76
CA ASP B 181 0.37 -9.52 -24.82
C ASP B 181 -0.92 -10.13 -24.28
N ALA B 182 -0.80 -11.04 -23.31
CA ALA B 182 -1.96 -11.66 -22.65
C ALA B 182 -2.78 -10.67 -21.82
N CYS B 183 -2.12 -9.67 -21.24
CA CYS B 183 -2.80 -8.62 -20.48
C CYS B 183 -3.57 -7.65 -21.39
N LYS B 184 -2.96 -7.29 -22.52
CA LYS B 184 -3.65 -6.52 -23.58
C LYS B 184 -4.84 -7.28 -24.18
N ALA B 185 -4.72 -8.61 -24.27
CA ALA B 185 -5.83 -9.47 -24.70
C ALA B 185 -6.98 -9.49 -23.70
N ALA B 186 -6.65 -9.45 -22.41
CA ALA B 186 -7.65 -9.44 -21.32
C ALA B 186 -8.43 -8.12 -21.18
N GLY B 187 -7.95 -7.04 -21.82
CA GLY B 187 -8.60 -5.73 -21.78
C GLY B 187 -7.79 -4.63 -21.07
N ALA B 188 -6.46 -4.77 -21.04
CA ALA B 188 -5.59 -3.72 -20.51
C ALA B 188 -5.54 -2.55 -21.49
N LYS B 189 -5.59 -1.34 -20.94
CA LYS B 189 -5.57 -0.11 -21.75
C LYS B 189 -4.26 0.03 -22.51
N ARG B 190 -3.14 -0.30 -21.86
CA ARG B 190 -1.84 -0.44 -22.54
C ARG B 190 -0.84 -1.27 -21.72
N ALA B 191 0.05 -1.96 -22.43
CA ALA B 191 1.18 -2.68 -21.83
C ALA B 191 2.48 -2.06 -22.31
N LEU B 192 2.91 -1.01 -21.60
CA LEU B 192 4.07 -0.19 -21.98
C LEU B 192 5.37 -0.76 -21.40
N PRO B 193 6.35 -1.14 -22.26
CA PRO B 193 7.65 -1.56 -21.74
C PRO B 193 8.51 -0.41 -21.23
N LEU B 194 9.00 -0.52 -20.00
CA LEU B 194 9.97 0.45 -19.46
C LEU B 194 11.35 0.20 -20.06
N ALA B 195 12.13 1.27 -20.17
CA ALA B 195 13.54 1.18 -20.61
C ALA B 195 14.44 1.06 -19.38
N VAL B 196 14.29 -0.05 -18.67
CA VAL B 196 15.04 -0.34 -17.45
C VAL B 196 15.94 -1.54 -17.73
N SER B 197 17.19 -1.46 -17.25
CA SER B 197 18.22 -2.47 -17.54
C SER B 197 17.97 -3.83 -16.90
N VAL B 198 17.43 -3.83 -15.68
CA VAL B 198 17.29 -5.05 -14.87
C VAL B 198 15.87 -5.20 -14.32
N PRO B 199 15.29 -6.44 -14.38
CA PRO B 199 13.98 -6.66 -13.76
C PRO B 199 14.09 -6.71 -12.23
N SER B 200 13.67 -5.64 -11.58
CA SER B 200 13.79 -5.49 -10.12
C SER B 200 12.59 -6.11 -9.40
N HIS B 201 12.79 -6.39 -8.11
CA HIS B 201 11.73 -6.80 -7.18
C HIS B 201 11.07 -8.16 -7.48
N CYS B 202 11.78 -9.03 -8.19
CA CYS B 202 11.29 -10.37 -8.55
C CYS B 202 12.23 -11.44 -7.99
N ALA B 203 11.87 -12.72 -8.20
CA ALA B 203 12.66 -13.85 -7.69
C ALA B 203 14.06 -14.01 -8.32
N LEU B 204 14.28 -13.42 -9.50
CA LEU B 204 15.61 -13.38 -10.13
C LEU B 204 16.65 -12.54 -9.36
N MET B 205 16.18 -11.60 -8.54
CA MET B 205 17.05 -10.71 -7.76
C MET B 205 17.53 -11.28 -6.41
N LYS B 206 17.01 -12.45 -6.00
CA LYS B 206 17.39 -13.04 -4.71
C LYS B 206 18.87 -13.47 -4.61
N PRO B 207 19.45 -14.00 -5.71
CA PRO B 207 20.92 -14.17 -5.75
C PRO B 207 21.71 -12.87 -5.48
N ALA B 208 21.26 -11.77 -6.06
CA ALA B 208 21.87 -10.45 -5.82
C ALA B 208 21.57 -9.92 -4.41
N ALA B 209 20.35 -10.19 -3.91
CA ALA B 209 19.94 -9.79 -2.56
C ALA B 209 20.74 -10.49 -1.45
N ASP B 210 21.11 -11.76 -1.68
CA ASP B 210 21.97 -12.50 -0.75
C ASP B 210 23.36 -11.87 -0.62
N LYS B 211 23.90 -11.39 -1.74
CA LYS B 211 25.15 -10.63 -1.74
C LYS B 211 24.97 -9.25 -1.07
N LEU B 212 23.86 -8.59 -1.36
CA LEU B 212 23.53 -7.29 -0.76
C LEU B 212 23.35 -7.33 0.76
N ALA B 213 22.90 -8.47 1.28
CA ALA B 213 22.77 -8.68 2.73
C ALA B 213 24.10 -8.61 3.48
N VAL B 214 25.17 -9.05 2.83
CA VAL B 214 26.51 -9.05 3.42
C VAL B 214 27.12 -7.63 3.32
N VAL B 215 26.77 -6.87 2.28
CA VAL B 215 27.24 -5.49 2.09
C VAL B 215 26.77 -4.57 3.21
N LEU B 216 25.48 -4.62 3.49
CA LEU B 216 24.84 -3.72 4.47
C LEU B 216 25.37 -3.90 5.90
N GLU B 217 25.85 -5.10 6.23
CA GLU B 217 26.49 -5.36 7.52
C GLU B 217 27.80 -4.57 7.71
N GLY B 218 28.53 -4.32 6.61
CA GLY B 218 29.72 -3.48 6.65
C GLY B 218 29.44 -1.98 6.81
N ILE B 219 28.30 -1.54 6.26
CA ILE B 219 27.94 -0.11 6.23
C ILE B 219 27.27 0.32 7.54
N GLU B 220 27.55 1.55 7.97
CA GLU B 220 26.98 2.11 9.20
C GLU B 220 25.59 2.68 8.95
N PHE B 221 24.71 2.52 9.95
CA PHE B 221 23.31 2.95 9.86
C PHE B 221 22.91 3.76 11.11
N GLY B 222 22.73 5.07 10.93
CA GLY B 222 22.33 5.97 12.02
C GLY B 222 20.83 5.95 12.28
N TYR B 223 20.41 6.72 13.28
CA TYR B 223 18.99 6.82 13.65
C TYR B 223 18.27 7.79 12.70
N PRO B 224 17.07 7.42 12.22
CA PRO B 224 16.34 8.30 11.30
C PRO B 224 15.77 9.56 11.97
N GLN B 225 15.98 10.71 11.35
CA GLN B 225 15.44 11.98 11.84
C GLN B 225 13.96 12.07 11.51
N PHE B 226 13.60 11.75 10.26
CA PHE B 226 12.21 11.71 9.81
C PHE B 226 11.74 10.25 9.64
N PRO B 227 10.44 9.97 9.84
CA PRO B 227 9.93 8.61 9.62
C PRO B 227 9.95 8.17 8.15
N VAL B 228 10.59 7.04 7.86
CA VAL B 228 10.72 6.51 6.50
C VAL B 228 9.86 5.24 6.36
N VAL B 229 8.82 5.32 5.54
CA VAL B 229 7.97 4.17 5.22
C VAL B 229 8.64 3.36 4.11
N ASN B 230 8.94 2.09 4.39
CA ASN B 230 9.53 1.18 3.38
C ASN B 230 8.49 0.71 2.35
N ASN B 231 9.00 0.22 1.21
CA ASN B 231 8.16 -0.32 0.15
C ASN B 231 7.62 -1.70 0.50
N VAL B 232 8.54 -2.60 0.86
CA VAL B 232 8.23 -4.03 1.05
C VAL B 232 7.19 -4.35 2.14
N ASP B 233 7.29 -3.69 3.29
CA ASP B 233 6.37 -3.94 4.42
C ASP B 233 5.32 -2.86 4.64
N VAL B 234 5.56 -1.63 4.17
CA VAL B 234 4.74 -0.46 4.49
C VAL B 234 4.78 -0.27 6.01
N LYS B 235 5.98 -0.01 6.50
CA LYS B 235 6.27 0.05 7.94
C LYS B 235 7.48 0.96 8.20
N ILE B 236 7.46 1.62 9.36
CA ILE B 236 8.52 2.54 9.76
C ILE B 236 9.42 1.84 10.78
N GLU B 237 10.70 1.69 10.42
CA GLU B 237 11.69 1.00 11.24
C GLU B 237 12.68 2.00 11.82
N GLN B 238 12.86 1.96 13.14
CA GLN B 238 13.80 2.85 13.86
C GLN B 238 15.19 2.22 13.97
N SER B 239 15.24 0.94 14.32
CA SER B 239 16.50 0.22 14.49
C SER B 239 17.24 -0.01 13.17
N ALA B 240 18.56 -0.17 13.26
CA ALA B 240 19.42 -0.35 12.08
C ALA B 240 19.24 -1.74 11.45
N GLU B 241 19.14 -2.77 12.28
CA GLU B 241 18.97 -4.16 11.82
C GLU B 241 17.71 -4.36 10.98
N ALA B 242 16.61 -3.75 11.41
CA ALA B 242 15.32 -3.86 10.71
C ALA B 242 15.31 -3.14 9.36
N ILE B 243 16.04 -2.02 9.25
CA ILE B 243 16.17 -1.27 8.00
C ILE B 243 17.02 -2.05 6.99
N ARG B 244 18.13 -2.63 7.45
CA ARG B 244 19.00 -3.47 6.60
C ARG B 244 18.24 -4.65 6.00
N HIS B 245 17.51 -5.38 6.84
CA HIS B 245 16.72 -6.54 6.41
C HIS B 245 15.58 -6.16 5.47
N ALA B 246 15.04 -4.95 5.63
CA ALA B 246 14.02 -4.41 4.72
C ALA B 246 14.59 -4.12 3.33
N LEU B 247 15.80 -3.55 3.27
CA LEU B 247 16.48 -3.26 2.00
C LEU B 247 16.88 -4.53 1.23
N VAL B 248 17.22 -5.60 1.95
CA VAL B 248 17.51 -6.91 1.33
C VAL B 248 16.23 -7.51 0.77
N ARG B 249 15.19 -7.55 1.60
CA ARG B 249 13.88 -8.08 1.19
C ARG B 249 13.19 -7.24 0.11
N GLN B 250 13.42 -5.93 0.11
CA GLN B 250 12.95 -5.04 -0.96
C GLN B 250 13.35 -5.55 -2.34
N LEU B 251 14.60 -6.00 -2.47
CA LEU B 251 15.19 -6.37 -3.76
C LEU B 251 14.50 -7.54 -4.48
N TYR B 252 13.93 -8.48 -3.71
CA TYR B 252 13.21 -9.64 -4.28
C TYR B 252 11.73 -9.77 -3.85
N ASN B 253 11.14 -8.68 -3.37
CA ASN B 253 9.70 -8.63 -3.03
C ASN B 253 9.05 -7.38 -3.61
N PRO B 254 7.72 -7.43 -3.87
CA PRO B 254 7.04 -6.32 -4.56
C PRO B 254 6.97 -4.99 -3.79
N VAL B 255 6.85 -3.90 -4.55
CA VAL B 255 6.68 -2.55 -3.99
C VAL B 255 5.18 -2.28 -3.80
N ARG B 256 4.78 -1.99 -2.57
CA ARG B 256 3.38 -1.74 -2.22
C ARG B 256 3.13 -0.24 -2.11
N TRP B 257 3.21 0.45 -3.25
CA TRP B 257 3.12 1.91 -3.29
C TRP B 257 1.71 2.45 -3.03
N THR B 258 0.69 1.73 -3.50
CA THR B 258 -0.70 2.10 -3.24
C THR B 258 -0.98 2.16 -1.74
N GLU B 259 -0.53 1.15 -1.02
CA GLU B 259 -0.69 1.07 0.43
C GLU B 259 0.20 2.07 1.17
N THR B 260 1.38 2.35 0.61
CA THR B 260 2.29 3.36 1.14
C THR B 260 1.68 4.77 1.12
N VAL B 261 1.07 5.13 0.00
CA VAL B 261 0.38 6.43 -0.14
C VAL B 261 -0.84 6.50 0.79
N GLU B 262 -1.61 5.42 0.86
CA GLU B 262 -2.76 5.35 1.76
C GLU B 262 -2.36 5.44 3.23
N PHE B 263 -1.24 4.80 3.59
CA PHE B 263 -0.69 4.89 4.95
C PHE B 263 -0.27 6.32 5.31
N ILE B 264 0.34 7.02 4.36
CA ILE B 264 0.69 8.44 4.52
C ILE B 264 -0.58 9.29 4.76
N THR B 265 -1.63 9.00 4.00
CA THR B 265 -2.93 9.68 4.15
C THR B 265 -3.56 9.47 5.53
N GLU B 266 -3.37 8.29 6.12
CA GLU B 266 -3.87 7.98 7.47
C GLU B 266 -3.23 8.82 8.59
N GLN B 267 -1.99 9.26 8.38
CA GLN B 267 -1.26 10.08 9.37
C GLN B 267 -1.47 11.60 9.21
N GLY B 268 -2.60 12.00 8.63
CA GLY B 268 -2.96 13.41 8.53
C GLY B 268 -2.22 14.24 7.48
N VAL B 269 -1.54 13.57 6.55
CA VAL B 269 -0.76 14.25 5.51
C VAL B 269 -1.70 14.68 4.38
N GLY B 270 -1.73 15.99 4.11
CA GLY B 270 -2.63 16.57 3.10
C GLY B 270 -2.03 16.75 1.71
N GLN B 271 -0.69 16.75 1.61
CA GLN B 271 -0.01 16.97 0.34
C GLN B 271 1.28 16.15 0.23
N LEU B 272 1.61 15.75 -0.99
CA LEU B 272 2.87 15.06 -1.30
C LEU B 272 3.74 15.92 -2.21
N LEU B 273 5.05 15.95 -1.94
CA LEU B 273 6.02 16.64 -2.79
C LEU B 273 7.00 15.62 -3.37
N GLU B 274 7.04 15.51 -4.69
CA GLU B 274 7.96 14.59 -5.35
C GLU B 274 9.36 15.21 -5.41
N ILE B 275 10.20 14.79 -4.46
CA ILE B 275 11.58 15.29 -4.34
C ILE B 275 12.47 14.46 -5.28
N GLY B 276 12.50 14.87 -6.54
CA GLY B 276 13.29 14.19 -7.57
C GLY B 276 12.90 14.61 -8.98
N PRO B 277 13.58 14.04 -10.00
CA PRO B 277 13.32 14.39 -11.39
C PRO B 277 12.00 13.83 -11.92
N GLY B 278 11.47 14.45 -12.97
CA GLY B 278 10.21 14.03 -13.58
C GLY B 278 8.99 14.36 -12.76
N ARG B 279 7.91 13.63 -13.00
CA ARG B 279 6.64 13.82 -12.29
C ARG B 279 5.86 12.49 -12.14
N VAL B 280 6.59 11.39 -11.95
CA VAL B 280 6.00 10.05 -12.01
C VAL B 280 5.06 9.81 -10.83
N LEU B 281 5.58 10.00 -9.62
CA LEU B 281 4.82 9.79 -8.38
C LEU B 281 3.68 10.78 -8.16
N THR B 282 3.76 11.96 -8.77
CA THR B 282 2.69 12.97 -8.71
C THR B 282 1.43 12.49 -9.44
N GLY B 283 1.61 11.94 -10.64
CA GLY B 283 0.52 11.38 -11.44
C GLY B 283 -0.19 10.19 -10.81
N LEU B 284 0.54 9.41 -10.00
CA LEU B 284 -0.04 8.28 -9.26
C LEU B 284 -0.95 8.73 -8.13
N THR B 285 -0.57 9.82 -7.45
CA THR B 285 -1.25 10.31 -6.24
C THR B 285 -2.76 10.48 -6.40
N LYS B 286 -3.17 11.21 -7.44
CA LYS B 286 -4.61 11.44 -7.70
C LYS B 286 -5.36 10.16 -8.04
N ARG B 287 -4.71 9.23 -8.72
CA ARG B 287 -5.33 7.92 -9.03
C ARG B 287 -5.55 7.07 -7.79
N ILE B 288 -4.64 7.16 -6.82
CA ILE B 288 -4.74 6.38 -5.58
C ILE B 288 -5.81 6.96 -4.66
N VAL B 289 -5.77 8.27 -4.41
CA VAL B 289 -6.66 8.91 -3.42
C VAL B 289 -7.72 9.87 -4.01
N ASN B 290 -7.30 10.76 -4.92
CA ASN B 290 -8.18 11.75 -5.61
C ASN B 290 -8.30 13.09 -4.86
N THR B 291 -8.43 13.04 -3.54
CA THR B 291 -8.55 14.25 -2.70
C THR B 291 -7.20 14.71 -2.12
N LEU B 292 -6.12 13.99 -2.41
CA LEU B 292 -4.79 14.25 -1.89
C LEU B 292 -4.01 14.96 -3.00
N SER B 293 -3.68 16.23 -2.77
CA SER B 293 -2.96 17.03 -3.76
C SER B 293 -1.49 16.65 -3.83
N ALA B 294 -0.84 16.96 -4.94
CA ALA B 294 0.58 16.69 -5.11
C ALA B 294 1.23 17.57 -6.19
N ALA B 295 2.55 17.70 -6.11
CA ALA B 295 3.33 18.49 -7.06
C ALA B 295 4.79 18.01 -7.09
N ALA B 296 5.44 18.16 -8.24
CA ALA B 296 6.80 17.69 -8.44
C ALA B 296 7.83 18.82 -8.34
N VAL B 297 8.71 18.72 -7.35
CA VAL B 297 9.78 19.70 -7.13
C VAL B 297 11.04 19.23 -7.87
N ASN B 298 11.13 19.59 -9.15
CA ASN B 298 12.29 19.24 -10.00
C ASN B 298 13.05 20.43 -10.63
N ASP B 299 12.50 21.64 -10.52
CA ASP B 299 13.16 22.86 -11.03
C ASP B 299 12.83 24.06 -10.12
N THR B 300 13.45 25.21 -10.40
CA THR B 300 13.32 26.41 -9.55
C THR B 300 11.88 26.92 -9.42
N ALA B 301 11.13 26.94 -10.52
CA ALA B 301 9.74 27.41 -10.50
C ALA B 301 8.90 26.58 -9.52
N SER B 302 8.97 25.27 -9.68
CA SER B 302 8.28 24.33 -8.78
C SER B 302 8.80 24.36 -7.34
N LEU B 303 10.09 24.65 -7.16
CA LEU B 303 10.71 24.76 -5.84
C LEU B 303 10.09 25.89 -5.03
N ILE B 304 9.94 27.06 -5.64
CA ILE B 304 9.42 28.24 -4.94
C ILE B 304 7.94 28.10 -4.62
N THR B 305 7.13 27.64 -5.58
CA THR B 305 5.68 27.45 -5.38
C THR B 305 5.41 26.45 -4.26
N ALA B 306 6.11 25.32 -4.30
CA ALA B 306 6.01 24.28 -3.27
C ALA B 306 6.45 24.78 -1.90
N LEU B 307 7.56 25.52 -1.88
CA LEU B 307 8.07 26.13 -0.65
C LEU B 307 7.10 27.17 -0.08
N GLU B 308 6.53 27.99 -0.95
CA GLU B 308 5.64 29.09 -0.55
C GLU B 308 4.33 28.61 0.11
N ASN B 309 3.75 27.53 -0.41
CA ASN B 309 2.51 26.97 0.15
C ASN B 309 2.70 26.43 1.56
N ASN B 310 3.60 25.46 1.69
CA ASN B 310 3.82 24.75 2.95
C ASN B 310 4.51 25.64 3.98
N SER C 2 -8.45 -20.06 -9.80
CA SER C 2 -9.47 -19.60 -8.79
C SER C 2 -8.92 -19.71 -7.36
N GLU C 3 -8.47 -18.57 -6.83
CA GLU C 3 -8.02 -18.46 -5.44
C GLU C 3 -9.01 -17.61 -4.64
N PHE C 4 -9.03 -17.83 -3.33
CA PHE C 4 -9.87 -17.04 -2.42
C PHE C 4 -9.22 -16.93 -1.04
N ALA C 5 -9.71 -15.98 -0.24
CA ALA C 5 -9.22 -15.75 1.12
C ALA C 5 -10.38 -15.54 2.07
N MET C 6 -10.36 -16.27 3.19
CA MET C 6 -11.40 -16.13 4.22
C MET C 6 -11.14 -14.89 5.05
N VAL C 7 -12.22 -14.19 5.41
CA VAL C 7 -12.13 -13.02 6.30
C VAL C 7 -13.06 -13.21 7.50
N PHE C 8 -12.54 -12.93 8.70
CA PHE C 8 -13.25 -13.19 9.95
C PHE C 8 -13.72 -11.87 10.58
N PRO C 9 -15.03 -11.79 10.94
CA PRO C 9 -15.58 -10.54 11.46
C PRO C 9 -15.15 -10.24 12.89
N GLY C 10 -15.15 -8.95 13.24
CA GLY C 10 -14.73 -8.48 14.55
C GLY C 10 -15.87 -8.26 15.53
N GLN C 11 -15.64 -7.37 16.49
CA GLN C 11 -16.61 -7.08 17.55
C GLN C 11 -17.70 -6.15 17.02
N GLY C 12 -18.94 -6.39 17.44
CA GLY C 12 -20.12 -5.68 16.93
C GLY C 12 -20.85 -6.42 15.81
N SER C 13 -20.20 -7.41 15.21
CA SER C 13 -20.81 -8.24 14.16
C SER C 13 -21.84 -9.22 14.72
N GLN C 14 -21.61 -9.69 15.95
CA GLN C 14 -22.51 -10.63 16.63
C GLN C 14 -23.93 -10.05 16.82
N ASP C 15 -24.91 -10.95 16.77
CA ASP C 15 -26.32 -10.62 17.05
C ASP C 15 -26.98 -11.80 17.75
N LEU C 16 -28.16 -11.57 18.33
CA LEU C 16 -28.89 -12.64 19.03
C LEU C 16 -29.44 -13.67 18.05
N GLY C 17 -29.35 -14.94 18.43
CA GLY C 17 -29.73 -16.05 17.58
C GLY C 17 -28.82 -16.25 16.38
N MET C 18 -27.54 -15.91 16.53
CA MET C 18 -26.53 -16.14 15.50
C MET C 18 -26.28 -17.64 15.34
N LEU C 19 -26.24 -18.10 14.08
CA LEU C 19 -25.96 -19.50 13.74
C LEU C 19 -26.98 -20.50 14.35
N ALA C 20 -28.22 -20.05 14.53
CA ALA C 20 -29.31 -20.91 15.01
C ALA C 20 -29.74 -21.87 13.91
N ASP C 21 -29.86 -21.33 12.70
CA ASP C 21 -30.11 -22.12 11.49
C ASP C 21 -28.98 -23.12 11.22
N LEU C 22 -27.73 -22.68 11.43
CA LEU C 22 -26.56 -23.52 11.21
C LEU C 22 -26.44 -24.69 12.22
N ALA C 23 -26.92 -24.47 13.44
CA ALA C 23 -26.86 -25.49 14.50
C ALA C 23 -27.74 -26.73 14.23
N THR C 24 -28.85 -26.54 13.53
CA THR C 24 -29.77 -27.63 13.20
C THR C 24 -29.18 -28.61 12.18
N ALA C 25 -28.52 -28.08 11.15
CA ALA C 25 -27.90 -28.89 10.10
C ALA C 25 -26.64 -29.60 10.58
N PHE C 26 -25.75 -28.85 11.23
CA PHE C 26 -24.45 -29.35 11.66
C PHE C 26 -24.36 -29.47 13.19
N PRO C 27 -24.12 -30.69 13.72
CA PRO C 27 -23.85 -30.86 15.16
C PRO C 27 -22.52 -30.27 15.66
N VAL C 28 -21.60 -29.93 14.75
CA VAL C 28 -20.29 -29.37 15.12
C VAL C 28 -20.42 -27.96 15.72
N VAL C 29 -21.48 -27.23 15.33
CA VAL C 29 -21.69 -25.85 15.81
C VAL C 29 -21.94 -25.85 17.33
N GLU C 30 -22.89 -26.66 17.77
CA GLU C 30 -23.19 -26.83 19.20
C GLU C 30 -22.05 -27.52 19.96
N GLN C 31 -21.32 -28.41 19.27
CA GLN C 31 -20.16 -29.11 19.86
C GLN C 31 -18.95 -28.19 20.05
N THR C 32 -18.78 -27.20 19.16
CA THR C 32 -17.69 -26.21 19.29
C THR C 32 -17.94 -25.27 20.46
N PHE C 33 -19.17 -24.77 20.58
CA PHE C 33 -19.58 -23.95 21.74
C PHE C 33 -19.55 -24.74 23.05
N ALA C 34 -19.79 -26.06 22.99
CA ALA C 34 -19.67 -26.94 24.15
C ALA C 34 -18.22 -27.06 24.64
N GLU C 35 -17.28 -27.15 23.70
CA GLU C 35 -15.84 -27.11 24.03
C GLU C 35 -15.44 -25.76 24.64
N ALA C 36 -15.98 -24.68 24.07
CA ALA C 36 -15.78 -23.34 24.61
C ALA C 36 -16.37 -23.18 26.00
N SER C 37 -17.59 -23.69 26.19
CA SER C 37 -18.32 -23.60 27.47
C SER C 37 -17.57 -24.20 28.66
N ASP C 38 -16.86 -25.31 28.43
CA ASP C 38 -16.06 -25.97 29.47
C ASP C 38 -14.90 -25.09 29.96
N VAL C 39 -14.32 -24.30 29.06
CA VAL C 39 -13.25 -23.36 29.43
C VAL C 39 -13.85 -22.19 30.22
N LEU C 40 -14.89 -21.58 29.65
CA LEU C 40 -15.54 -20.40 30.26
C LEU C 40 -16.13 -20.67 31.64
N GLY C 41 -16.75 -21.83 31.82
CA GLY C 41 -17.47 -22.16 33.04
C GLY C 41 -18.94 -21.76 33.02
N TYR C 42 -19.45 -21.43 31.83
CA TYR C 42 -20.89 -21.20 31.64
C TYR C 42 -21.30 -21.62 30.23
N ASP C 43 -22.59 -21.86 30.06
CA ASP C 43 -23.15 -22.29 28.78
C ASP C 43 -23.17 -21.11 27.80
N LEU C 44 -22.15 -21.05 26.95
CA LEU C 44 -22.00 -19.98 25.95
C LEU C 44 -23.07 -20.08 24.85
N TRP C 45 -23.50 -21.31 24.55
CA TRP C 45 -24.58 -21.53 23.58
C TRP C 45 -25.94 -21.04 24.07
N ALA C 46 -26.20 -21.20 25.36
CA ALA C 46 -27.45 -20.70 25.98
C ALA C 46 -27.47 -19.17 26.10
N LEU C 47 -26.28 -18.58 26.28
CA LEU C 47 -26.13 -17.12 26.32
C LEU C 47 -26.44 -16.48 24.97
N VAL C 48 -25.88 -17.04 23.91
CA VAL C 48 -25.99 -16.49 22.56
C VAL C 48 -27.39 -16.67 21.92
N GLN C 49 -28.05 -17.79 22.20
CA GLN C 49 -29.36 -18.08 21.60
C GLN C 49 -30.50 -17.41 22.36
N GLN C 50 -30.67 -17.77 23.63
CA GLN C 50 -31.81 -17.32 24.45
C GLN C 50 -31.53 -16.18 25.43
N GLY C 51 -30.25 -15.89 25.70
CA GLY C 51 -29.88 -14.88 26.70
C GLY C 51 -30.21 -13.46 26.30
N PRO C 52 -30.13 -12.50 27.26
CA PRO C 52 -30.38 -11.09 26.94
C PRO C 52 -29.19 -10.46 26.21
N GLU C 53 -29.48 -9.48 25.36
CA GLU C 53 -28.46 -8.85 24.51
C GLU C 53 -27.47 -7.97 25.29
N GLU C 54 -27.88 -7.45 26.45
CA GLU C 54 -26.99 -6.69 27.33
C GLU C 54 -25.83 -7.55 27.84
N GLU C 55 -26.14 -8.78 28.27
CA GLU C 55 -25.12 -9.75 28.70
C GLU C 55 -24.23 -10.19 27.52
N LEU C 56 -24.84 -10.37 26.35
CA LEU C 56 -24.10 -10.68 25.12
C LEU C 56 -23.14 -9.55 24.72
N ASN C 57 -23.57 -8.30 24.89
CA ASN C 57 -22.77 -7.12 24.51
C ASN C 57 -21.71 -6.68 25.54
N LYS C 58 -21.62 -7.36 26.69
CA LYS C 58 -20.48 -7.19 27.60
C LYS C 58 -19.24 -7.78 26.94
N THR C 59 -18.22 -6.95 26.75
CA THR C 59 -17.06 -7.29 25.89
C THR C 59 -16.39 -8.64 26.20
N TRP C 60 -16.22 -8.96 27.48
CA TRP C 60 -15.59 -10.23 27.89
C TRP C 60 -16.48 -11.46 27.64
N GLN C 61 -17.79 -11.25 27.50
CA GLN C 61 -18.74 -12.29 27.05
C GLN C 61 -19.09 -12.21 25.55
N THR C 62 -18.95 -11.02 24.95
CA THR C 62 -19.13 -10.84 23.50
C THR C 62 -18.06 -11.57 22.70
N GLN C 63 -16.82 -11.41 23.13
CA GLN C 63 -15.66 -11.84 22.33
C GLN C 63 -15.49 -13.37 22.19
N PRO C 64 -15.71 -14.15 23.26
CA PRO C 64 -15.69 -15.62 23.13
C PRO C 64 -16.77 -16.21 22.20
N ALA C 65 -17.94 -15.59 22.16
CA ALA C 65 -19.04 -16.04 21.29
C ALA C 65 -18.71 -15.89 19.80
N LEU C 66 -18.06 -14.79 19.43
CA LEU C 66 -17.61 -14.57 18.06
C LEU C 66 -16.51 -15.55 17.63
N LEU C 67 -15.58 -15.82 18.54
CA LEU C 67 -14.51 -16.80 18.31
C LEU C 67 -15.08 -18.21 18.12
N ALA C 68 -15.98 -18.61 19.02
CA ALA C 68 -16.65 -19.90 18.93
C ALA C 68 -17.53 -20.04 17.68
N ALA C 69 -18.17 -18.94 17.28
CA ALA C 69 -19.00 -18.91 16.07
C ALA C 69 -18.18 -19.02 14.79
N SER C 70 -17.11 -18.22 14.71
CA SER C 70 -16.24 -18.18 13.52
C SER C 70 -15.49 -19.51 13.27
N VAL C 71 -15.03 -20.15 14.35
CA VAL C 71 -14.35 -21.44 14.26
C VAL C 71 -15.33 -22.56 13.88
N ALA C 72 -16.55 -22.51 14.43
CA ALA C 72 -17.61 -23.48 14.12
C ALA C 72 -17.94 -23.56 12.62
N ILE C 73 -17.88 -22.42 11.93
CA ILE C 73 -18.10 -22.36 10.48
C ILE C 73 -16.92 -23.02 9.77
N TRP C 74 -15.71 -22.65 10.20
CA TRP C 74 -14.45 -23.22 9.70
C TRP C 74 -14.37 -24.74 9.89
N ARG C 75 -14.86 -25.24 11.03
CA ARG C 75 -14.86 -26.68 11.30
C ARG C 75 -15.84 -27.47 10.41
N VAL C 76 -16.97 -26.85 10.07
CA VAL C 76 -17.91 -27.41 9.08
C VAL C 76 -17.26 -27.40 7.68
N TRP C 77 -16.54 -26.32 7.36
CA TRP C 77 -15.83 -26.18 6.09
C TRP C 77 -14.77 -27.27 5.86
N GLN C 78 -14.04 -27.62 6.91
CA GLN C 78 -12.97 -28.64 6.82
C GLN C 78 -13.50 -30.07 6.67
N GLU C 79 -14.48 -30.43 7.51
CA GLU C 79 -15.03 -31.80 7.52
C GLU C 79 -15.77 -32.19 6.24
N LYS C 80 -16.44 -31.22 5.61
CA LYS C 80 -17.19 -31.45 4.37
C LYS C 80 -16.34 -31.43 3.10
N GLY C 81 -15.03 -31.18 3.22
CA GLY C 81 -14.10 -31.24 2.10
C GLY C 81 -14.10 -29.97 1.28
N GLY C 82 -14.03 -28.83 1.97
CA GLY C 82 -13.97 -27.52 1.31
C GLY C 82 -12.59 -27.24 0.75
N LYS C 83 -12.54 -26.29 -0.18
CA LYS C 83 -11.27 -25.89 -0.82
C LYS C 83 -10.42 -25.08 0.17
N ALA C 84 -9.10 -25.28 0.11
CA ALA C 84 -8.18 -24.62 1.03
C ALA C 84 -7.98 -23.14 0.64
N PRO C 85 -8.09 -22.22 1.62
CA PRO C 85 -7.94 -20.80 1.32
C PRO C 85 -6.48 -20.39 1.11
N SER C 86 -6.26 -19.44 0.19
CA SER C 86 -4.93 -18.92 -0.11
C SER C 86 -4.40 -18.02 1.01
N LEU C 87 -5.30 -17.20 1.58
CA LEU C 87 -4.97 -16.33 2.71
C LEU C 87 -6.07 -16.36 3.78
N MET C 88 -5.73 -15.80 4.94
CA MET C 88 -6.70 -15.49 5.98
C MET C 88 -6.43 -14.07 6.50
N ALA C 89 -7.50 -13.38 6.89
CA ALA C 89 -7.40 -12.03 7.45
C ALA C 89 -8.52 -11.80 8.45
N GLY C 90 -8.23 -11.08 9.52
CA GLY C 90 -9.17 -10.91 10.64
C GLY C 90 -9.25 -9.48 11.11
N HIS C 91 -10.47 -9.04 11.47
CA HIS C 91 -10.73 -7.66 11.86
C HIS C 91 -10.85 -7.54 13.37
N SER C 92 -10.00 -6.69 13.98
CA SER C 92 -9.98 -6.45 15.44
C SER C 92 -9.87 -7.75 16.26
N LEU C 93 -11.02 -8.37 16.56
CA LEU C 93 -11.07 -9.66 17.22
C LEU C 93 -10.72 -10.76 16.23
N GLY C 94 -11.32 -10.69 15.03
CA GLY C 94 -11.18 -11.70 13.98
C GLY C 94 -9.79 -12.25 13.72
N GLU C 95 -8.76 -11.46 13.99
CA GLU C 95 -7.36 -11.92 13.89
C GLU C 95 -7.08 -13.10 14.84
N TYR C 96 -7.72 -13.10 16.01
CA TYR C 96 -7.64 -14.23 16.95
C TYR C 96 -8.33 -15.48 16.39
N SER C 97 -9.47 -15.29 15.72
CA SER C 97 -10.17 -16.37 15.02
C SER C 97 -9.36 -16.92 13.84
N ALA C 98 -8.73 -16.02 13.09
CA ALA C 98 -7.88 -16.40 11.96
C ALA C 98 -6.66 -17.24 12.38
N LEU C 99 -6.08 -16.87 13.53
CA LEU C 99 -4.94 -17.61 14.09
C LEU C 99 -5.31 -19.01 14.59
N VAL C 100 -6.53 -19.17 15.11
CA VAL C 100 -7.04 -20.49 15.53
C VAL C 100 -7.31 -21.38 14.30
N CYS C 101 -7.92 -20.81 13.27
CA CYS C 101 -8.16 -21.51 12.00
C CYS C 101 -6.86 -21.84 11.26
N ALA C 102 -5.85 -20.99 11.40
CA ALA C 102 -4.53 -21.20 10.80
C ALA C 102 -3.61 -22.15 11.59
N GLY C 103 -4.06 -22.64 12.75
CA GLY C 103 -3.29 -23.57 13.56
C GLY C 103 -2.15 -22.94 14.35
N VAL C 104 -2.29 -21.65 14.66
CA VAL C 104 -1.28 -20.93 15.45
C VAL C 104 -1.57 -21.09 16.94
N ILE C 105 -2.83 -20.87 17.33
CA ILE C 105 -3.25 -20.97 18.74
C ILE C 105 -4.27 -22.10 18.91
N ASP C 106 -4.20 -22.78 20.05
CA ASP C 106 -5.17 -23.81 20.42
C ASP C 106 -6.53 -23.14 20.69
N PHE C 107 -7.60 -23.77 20.22
CA PHE C 107 -8.97 -23.21 20.33
C PHE C 107 -9.39 -22.97 21.79
N LYS C 108 -9.14 -23.95 22.66
CA LYS C 108 -9.49 -23.85 24.07
C LYS C 108 -8.70 -22.75 24.79
N GLN C 109 -7.41 -22.66 24.51
CA GLN C 109 -6.55 -21.61 25.06
C GLN C 109 -6.81 -20.23 24.43
N ALA C 110 -7.25 -20.23 23.17
CA ALA C 110 -7.65 -18.99 22.48
C ALA C 110 -8.94 -18.40 23.06
N ILE C 111 -9.90 -19.27 23.36
CA ILE C 111 -11.13 -18.89 24.09
C ILE C 111 -10.77 -18.23 25.43
N ARG C 112 -9.88 -18.88 26.18
CA ARG C 112 -9.37 -18.34 27.45
C ARG C 112 -8.59 -17.03 27.27
N LEU C 113 -7.80 -16.96 26.21
CA LEU C 113 -7.03 -15.76 25.87
C LEU C 113 -7.92 -14.58 25.52
N VAL C 114 -8.88 -14.82 24.62
CA VAL C 114 -9.83 -13.78 24.19
C VAL C 114 -10.73 -13.32 25.34
N GLU C 115 -11.12 -14.23 26.23
CA GLU C 115 -11.86 -13.86 27.45
C GLU C 115 -11.07 -12.89 28.32
N LEU C 116 -9.81 -13.24 28.60
CA LEU C 116 -8.93 -12.42 29.43
C LEU C 116 -8.69 -11.05 28.78
N ARG C 117 -8.46 -11.05 27.47
CA ARG C 117 -8.31 -9.80 26.71
C ARG C 117 -9.47 -8.86 27.01
N GLY C 118 -10.69 -9.37 26.88
CA GLY C 118 -11.92 -8.62 27.17
C GLY C 118 -11.99 -7.97 28.54
N LYS C 119 -11.50 -8.69 29.56
CA LYS C 119 -11.42 -8.14 30.92
C LYS C 119 -10.41 -6.99 30.99
N LEU C 120 -9.21 -7.22 30.45
CA LEU C 120 -8.13 -6.21 30.42
C LEU C 120 -8.51 -4.93 29.70
N MET C 121 -9.33 -5.04 28.64
CA MET C 121 -9.80 -3.89 27.88
C MET C 121 -10.75 -3.01 28.70
N GLN C 122 -11.67 -3.65 29.43
CA GLN C 122 -12.62 -2.94 30.30
C GLN C 122 -11.94 -2.26 31.50
N GLU C 123 -10.90 -2.88 32.03
CA GLU C 123 -10.16 -2.34 33.19
C GLU C 123 -9.35 -1.08 32.89
N ALA C 124 -8.86 -0.95 31.65
CA ALA C 124 -8.04 0.20 31.24
C ALA C 124 -8.77 1.54 31.33
N VAL C 125 -10.04 1.55 30.93
CA VAL C 125 -10.87 2.76 30.93
C VAL C 125 -11.89 2.70 32.08
N PRO C 126 -12.12 3.83 32.79
CA PRO C 126 -13.27 3.86 33.71
C PRO C 126 -14.59 3.87 32.92
N GLU C 127 -15.64 3.29 33.51
CA GLU C 127 -16.89 3.07 32.79
C GLU C 127 -17.59 4.40 32.47
N GLY C 128 -17.75 4.69 31.19
CA GLY C 128 -18.31 5.96 30.71
C GLY C 128 -17.28 6.98 30.23
N THR C 129 -15.99 6.70 30.42
CA THR C 129 -14.92 7.61 30.01
C THR C 129 -14.71 7.60 28.50
N GLY C 130 -14.72 6.41 27.89
CA GLY C 130 -14.45 6.26 26.47
C GLY C 130 -15.71 6.26 25.60
N ALA C 131 -15.56 6.76 24.38
CA ALA C 131 -16.64 6.70 23.37
C ALA C 131 -16.03 6.48 21.99
N MET C 132 -16.83 5.90 21.10
CA MET C 132 -16.42 5.62 19.73
C MET C 132 -17.39 6.24 18.74
N TYR C 133 -16.85 6.81 17.66
CA TYR C 133 -17.64 7.45 16.61
C TYR C 133 -17.26 6.90 15.24
N VAL C 134 -18.21 6.91 14.32
CA VAL C 134 -18.01 6.44 12.94
C VAL C 134 -18.24 7.61 11.98
N ILE C 135 -17.20 7.97 11.23
CA ILE C 135 -17.24 9.09 10.29
C ILE C 135 -17.44 8.54 8.88
N ILE C 136 -18.46 9.05 8.19
CA ILE C 136 -18.82 8.61 6.84
C ILE C 136 -18.77 9.80 5.88
N GLY C 137 -18.26 9.58 4.67
CA GLY C 137 -18.22 10.59 3.62
C GLY C 137 -17.17 11.68 3.80
N LEU C 138 -15.99 11.29 4.26
CA LEU C 138 -14.85 12.20 4.39
C LEU C 138 -13.53 11.45 4.24
N ASP C 139 -12.55 12.10 3.61
CA ASP C 139 -11.24 11.50 3.37
C ASP C 139 -10.42 11.30 4.65
N ASN C 140 -9.39 10.46 4.56
CA ASN C 140 -8.59 10.04 5.73
C ASN C 140 -7.74 11.16 6.33
N GLU C 141 -7.14 11.99 5.47
CA GLU C 141 -6.25 13.08 5.94
C GLU C 141 -6.99 14.18 6.73
N SER C 142 -8.22 14.47 6.35
CA SER C 142 -9.05 15.47 7.04
C SER C 142 -9.52 15.00 8.43
N ILE C 143 -9.77 13.70 8.56
CA ILE C 143 -10.24 13.11 9.82
C ILE C 143 -9.13 13.09 10.87
N ASP C 144 -7.93 12.65 10.47
CA ASP C 144 -6.76 12.63 11.37
C ASP C 144 -6.31 14.05 11.74
N ARG C 145 -6.42 14.98 10.80
CA ARG C 145 -6.17 16.40 11.06
C ARG C 145 -7.19 16.97 12.05
N ALA C 146 -8.47 16.63 11.84
CA ALA C 146 -9.55 17.04 12.74
C ALA C 146 -9.39 16.51 14.17
N CYS C 147 -8.90 15.27 14.29
CA CYS C 147 -8.62 14.67 15.61
C CYS C 147 -7.47 15.36 16.33
N LYS C 148 -6.39 15.65 15.59
CA LYS C 148 -5.21 16.35 16.14
C LYS C 148 -5.49 17.81 16.53
N GLU C 149 -6.34 18.48 15.76
CA GLU C 149 -6.74 19.87 16.06
C GLU C 149 -7.53 19.98 17.37
N VAL C 150 -8.55 19.14 17.52
CA VAL C 150 -9.46 19.18 18.67
C VAL C 150 -8.97 18.48 19.94
N ALA C 151 -7.86 17.75 19.85
CA ALA C 151 -7.35 16.95 20.98
C ALA C 151 -7.17 17.77 22.26
N GLN C 152 -6.49 18.90 22.15
CA GLN C 152 -6.26 19.84 23.27
C GLN C 152 -5.61 19.17 24.50
N GLY C 153 -4.66 18.27 24.25
CA GLY C 153 -4.00 17.50 25.32
C GLY C 153 -4.57 16.11 25.56
N GLN C 154 -5.88 15.95 25.32
CA GLN C 154 -6.54 14.64 25.45
C GLN C 154 -6.17 13.74 24.27
N ILE C 155 -6.57 12.47 24.32
CA ILE C 155 -6.24 11.51 23.26
C ILE C 155 -7.46 11.12 22.43
N VAL C 156 -7.35 11.34 21.12
CA VAL C 156 -8.35 10.95 20.14
C VAL C 156 -7.64 10.70 18.80
N SER C 157 -8.01 9.62 18.13
CA SER C 157 -7.38 9.24 16.86
C SER C 157 -8.28 8.31 16.04
N PRO C 158 -7.98 8.16 14.74
CA PRO C 158 -8.64 7.11 13.94
C PRO C 158 -8.24 5.72 14.41
N VAL C 159 -9.21 4.80 14.43
CA VAL C 159 -9.01 3.44 14.96
C VAL C 159 -9.28 2.32 13.95
N ASN C 160 -10.30 2.48 13.10
CA ASN C 160 -10.54 1.57 11.98
C ASN C 160 -10.56 2.35 10.68
N PHE C 161 -9.91 1.80 9.65
CA PHE C 161 -10.00 2.30 8.29
C PHE C 161 -10.70 1.23 7.47
N ASN C 162 -12.01 1.16 7.66
CA ASN C 162 -12.84 0.07 7.12
C ASN C 162 -12.99 0.14 5.60
N SER C 163 -13.20 1.34 5.07
CA SER C 163 -13.25 1.56 3.62
C SER C 163 -13.06 3.05 3.29
N PRO C 164 -12.85 3.39 2.00
CA PRO C 164 -12.80 4.81 1.63
C PRO C 164 -14.14 5.51 1.88
N GLY C 165 -14.11 6.58 2.68
CA GLY C 165 -15.33 7.23 3.15
C GLY C 165 -16.05 6.48 4.26
N GLN C 166 -15.29 5.72 5.06
CA GLN C 166 -15.83 5.06 6.25
C GLN C 166 -14.69 4.77 7.25
N VAL C 167 -14.54 5.68 8.20
CA VAL C 167 -13.45 5.63 9.19
C VAL C 167 -14.06 5.76 10.59
N VAL C 168 -13.53 4.97 11.52
CA VAL C 168 -13.98 5.00 12.92
C VAL C 168 -12.92 5.71 13.76
N ILE C 169 -13.37 6.52 14.72
CA ILE C 169 -12.49 7.23 15.64
C ILE C 169 -12.84 6.82 17.07
N ALA C 170 -11.83 6.87 17.96
CA ALA C 170 -12.01 6.53 19.37
C ALA C 170 -11.04 7.30 20.25
N GLY C 171 -11.37 7.36 21.54
CA GLY C 171 -10.56 8.09 22.52
C GLY C 171 -11.38 8.43 23.75
N GLU C 172 -11.08 9.59 24.36
CA GLU C 172 -11.88 10.08 25.49
C GLU C 172 -13.20 10.63 24.97
N LYS C 173 -14.28 10.36 25.70
CA LYS C 173 -15.65 10.74 25.31
C LYS C 173 -15.79 12.20 24.91
N GLU C 174 -15.22 13.09 25.72
CA GLU C 174 -15.27 14.54 25.47
C GLU C 174 -14.51 14.93 24.20
N ALA C 175 -13.32 14.36 24.03
CA ALA C 175 -12.46 14.61 22.87
C ALA C 175 -13.05 14.13 21.54
N VAL C 176 -13.70 12.97 21.57
CA VAL C 176 -14.30 12.38 20.37
C VAL C 176 -15.52 13.20 19.88
N GLU C 177 -16.32 13.70 20.82
CA GLU C 177 -17.48 14.56 20.50
C GLU C 177 -17.07 15.86 19.80
N ARG C 178 -15.90 16.40 20.15
CA ARG C 178 -15.31 17.54 19.44
C ARG C 178 -14.83 17.14 18.04
N ALA C 179 -14.20 15.97 17.95
CA ALA C 179 -13.74 15.41 16.66
C ALA C 179 -14.89 15.07 15.71
N GLY C 180 -16.01 14.62 16.26
CA GLY C 180 -17.23 14.38 15.49
C GLY C 180 -17.77 15.64 14.82
N ASP C 181 -17.73 16.75 15.55
CA ASP C 181 -18.14 18.06 15.01
C ASP C 181 -17.11 18.62 14.02
N ALA C 182 -15.83 18.43 14.31
CA ALA C 182 -14.75 18.89 13.44
C ALA C 182 -14.74 18.18 12.08
N CYS C 183 -15.03 16.87 12.09
CA CYS C 183 -15.22 16.11 10.85
C CYS C 183 -16.47 16.57 10.10
N LYS C 184 -17.54 16.85 10.84
CA LYS C 184 -18.79 17.37 10.26
C LYS C 184 -18.58 18.72 9.56
N ALA C 185 -17.77 19.58 10.17
CA ALA C 185 -17.42 20.89 9.60
C ALA C 185 -16.53 20.78 8.36
N ALA C 186 -15.63 19.80 8.34
CA ALA C 186 -14.75 19.54 7.19
C ALA C 186 -15.46 19.00 5.94
N GLY C 187 -16.71 18.56 6.09
CA GLY C 187 -17.52 18.05 4.98
C GLY C 187 -17.84 16.57 5.06
N ALA C 188 -18.00 16.04 6.27
CA ALA C 188 -18.42 14.65 6.47
C ALA C 188 -19.92 14.54 6.24
N LYS C 189 -20.34 13.41 5.66
CA LYS C 189 -21.74 13.16 5.34
C LYS C 189 -22.53 12.89 6.62
N ARG C 190 -21.98 12.02 7.46
CA ARG C 190 -22.56 11.67 8.75
C ARG C 190 -21.46 11.34 9.76
N ALA C 191 -21.67 11.73 11.02
CA ALA C 191 -20.71 11.49 12.10
C ALA C 191 -21.43 10.92 13.32
N LEU C 192 -21.84 9.66 13.21
CA LEU C 192 -22.64 9.00 14.26
C LEU C 192 -21.74 8.32 15.29
N PRO C 193 -22.25 8.12 16.52
CA PRO C 193 -21.54 7.39 17.55
C PRO C 193 -21.89 5.90 17.56
N LEU C 194 -20.87 5.05 17.67
CA LEU C 194 -21.08 3.61 17.83
C LEU C 194 -21.44 3.33 19.30
N ALA C 195 -22.29 2.34 19.52
CA ALA C 195 -22.78 2.00 20.86
C ALA C 195 -21.82 1.04 21.57
N VAL C 196 -20.61 1.51 21.86
CA VAL C 196 -19.57 0.73 22.53
C VAL C 196 -18.83 1.64 23.52
N SER C 197 -18.86 1.26 24.80
CA SER C 197 -18.23 2.03 25.87
C SER C 197 -16.69 1.96 25.82
N VAL C 198 -16.15 0.81 25.41
CA VAL C 198 -14.71 0.57 25.39
C VAL C 198 -14.11 1.03 24.05
N PRO C 199 -13.16 2.00 24.07
CA PRO C 199 -12.49 2.46 22.85
C PRO C 199 -11.24 1.65 22.51
N SER C 200 -11.37 0.71 21.56
CA SER C 200 -10.25 -0.13 21.16
C SER C 200 -9.29 0.60 20.24
N HIS C 201 -8.07 0.08 20.11
CA HIS C 201 -7.08 0.52 19.11
C HIS C 201 -6.59 1.97 19.25
N CYS C 202 -6.49 2.44 20.50
CA CYS C 202 -6.06 3.82 20.78
C CYS C 202 -5.14 3.88 22.01
N ALA C 203 -4.62 5.07 22.31
CA ALA C 203 -3.65 5.28 23.39
C ALA C 203 -4.17 5.00 24.82
N LEU C 204 -5.50 4.95 25.00
CA LEU C 204 -6.12 4.49 26.25
C LEU C 204 -5.79 3.03 26.60
N MET C 205 -5.56 2.21 25.58
CA MET C 205 -5.41 0.76 25.74
C MET C 205 -3.97 0.26 25.84
N LYS C 206 -2.99 1.17 25.91
CA LYS C 206 -1.58 0.79 26.07
C LYS C 206 -1.28 0.14 27.43
N PRO C 207 -1.87 0.65 28.54
CA PRO C 207 -1.82 -0.07 29.81
C PRO C 207 -2.34 -1.51 29.76
N ALA C 208 -3.46 -1.71 29.05
CA ALA C 208 -4.01 -3.06 28.82
C ALA C 208 -3.10 -3.90 27.92
N ALA C 209 -2.52 -3.26 26.91
CA ALA C 209 -1.58 -3.92 25.99
C ALA C 209 -0.29 -4.36 26.69
N ASP C 210 0.19 -3.57 27.66
CA ASP C 210 1.33 -3.95 28.49
C ASP C 210 1.05 -5.22 29.30
N LYS C 211 -0.17 -5.32 29.84
CA LYS C 211 -0.61 -6.52 30.54
C LYS C 211 -0.84 -7.72 29.59
N LEU C 212 -1.36 -7.44 28.40
CA LEU C 212 -1.57 -8.47 27.37
C LEU C 212 -0.25 -9.03 26.83
N ALA C 213 0.79 -8.18 26.76
CA ALA C 213 2.13 -8.60 26.33
C ALA C 213 2.71 -9.71 27.18
N VAL C 214 2.45 -9.66 28.49
CA VAL C 214 2.94 -10.67 29.43
C VAL C 214 2.16 -11.98 29.29
N VAL C 215 0.86 -11.88 29.00
CA VAL C 215 -0.02 -13.06 28.83
C VAL C 215 0.40 -13.92 27.63
N LEU C 216 0.61 -13.28 26.49
CA LEU C 216 0.94 -13.98 25.24
C LEU C 216 2.29 -14.71 25.27
N GLU C 217 3.23 -14.23 26.10
CA GLU C 217 4.52 -14.89 26.29
C GLU C 217 4.38 -16.26 26.96
N GLY C 218 3.46 -16.37 27.90
CA GLY C 218 3.13 -17.64 28.54
C GLY C 218 2.46 -18.64 27.62
N ILE C 219 1.55 -18.14 26.78
CA ILE C 219 0.82 -18.98 25.82
C ILE C 219 1.74 -19.42 24.68
N GLU C 220 1.55 -20.67 24.22
CA GLU C 220 2.40 -21.28 23.19
C GLU C 220 1.79 -21.13 21.79
N PHE C 221 2.61 -20.68 20.85
CA PHE C 221 2.18 -20.35 19.48
C PHE C 221 2.80 -21.33 18.47
N GLY C 222 1.95 -22.10 17.80
CA GLY C 222 2.39 -23.04 16.75
C GLY C 222 2.66 -22.34 15.43
N TYR C 223 3.15 -23.10 14.45
CA TYR C 223 3.47 -22.57 13.13
C TYR C 223 2.19 -22.42 12.29
N PRO C 224 2.03 -21.31 11.54
CA PRO C 224 0.81 -21.16 10.74
C PRO C 224 0.72 -22.11 9.54
N GLN C 225 -0.46 -22.69 9.33
CA GLN C 225 -0.73 -23.53 8.16
C GLN C 225 -1.01 -22.63 6.95
N PHE C 226 -1.93 -21.70 7.12
CA PHE C 226 -2.28 -20.72 6.09
C PHE C 226 -1.67 -19.34 6.41
N PRO C 227 -1.38 -18.52 5.39
CA PRO C 227 -0.92 -17.14 5.65
C PRO C 227 -1.98 -16.26 6.31
N VAL C 228 -1.58 -15.57 7.39
CA VAL C 228 -2.48 -14.69 8.16
C VAL C 228 -1.98 -13.24 8.08
N VAL C 229 -2.81 -12.35 7.52
CA VAL C 229 -2.49 -10.93 7.43
C VAL C 229 -3.00 -10.22 8.68
N ASN C 230 -2.09 -9.64 9.46
CA ASN C 230 -2.46 -8.88 10.66
C ASN C 230 -3.03 -7.49 10.32
N ASN C 231 -3.72 -6.90 11.28
CA ASN C 231 -4.30 -5.55 11.12
C ASN C 231 -3.27 -4.43 11.28
N VAL C 232 -2.22 -4.69 12.05
CA VAL C 232 -1.34 -3.63 12.55
C VAL C 232 -0.36 -3.20 11.46
N ASP C 233 0.37 -4.17 10.92
CA ASP C 233 1.36 -3.92 9.86
C ASP C 233 0.84 -4.19 8.44
N VAL C 234 -0.19 -5.03 8.33
CA VAL C 234 -0.61 -5.61 7.04
C VAL C 234 0.57 -6.43 6.51
N LYS C 235 0.94 -7.44 7.31
CA LYS C 235 2.13 -8.26 7.07
C LYS C 235 1.90 -9.69 7.53
N ILE C 236 2.47 -10.64 6.81
CA ILE C 236 2.35 -12.06 7.14
C ILE C 236 3.57 -12.46 7.95
N GLU C 237 3.37 -12.60 9.27
CA GLU C 237 4.45 -12.93 10.21
C GLU C 237 4.54 -14.44 10.39
N GLN C 238 5.73 -14.99 10.20
CA GLN C 238 5.96 -16.44 10.24
C GLN C 238 6.26 -16.92 11.65
N SER C 239 7.20 -16.25 12.31
CA SER C 239 7.65 -16.61 13.66
C SER C 239 6.60 -16.35 14.73
N ALA C 240 6.79 -16.98 15.89
CA ALA C 240 5.84 -16.88 17.00
C ALA C 240 5.87 -15.51 17.68
N GLU C 241 7.09 -15.06 18.03
CA GLU C 241 7.29 -13.75 18.68
C GLU C 241 6.78 -12.57 17.85
N ALA C 242 6.96 -12.64 16.54
CA ALA C 242 6.49 -11.59 15.62
C ALA C 242 4.95 -11.47 15.61
N ILE C 243 4.26 -12.60 15.75
CA ILE C 243 2.80 -12.62 15.86
C ILE C 243 2.34 -12.08 17.22
N ARG C 244 3.07 -12.42 18.28
CA ARG C 244 2.77 -11.88 19.62
C ARG C 244 2.85 -10.36 19.61
N HIS C 245 3.98 -9.82 19.15
CA HIS C 245 4.18 -8.37 19.02
C HIS C 245 3.06 -7.66 18.24
N ALA C 246 2.56 -8.32 17.19
CA ALA C 246 1.44 -7.80 16.40
C ALA C 246 0.15 -7.72 17.23
N LEU C 247 -0.19 -8.81 17.92
CA LEU C 247 -1.38 -8.83 18.80
C LEU C 247 -1.31 -7.83 19.95
N VAL C 248 -0.09 -7.58 20.46
CA VAL C 248 0.13 -6.60 21.53
C VAL C 248 -0.05 -5.18 20.98
N ARG C 249 0.62 -4.88 19.87
CA ARG C 249 0.52 -3.56 19.24
C ARG C 249 -0.87 -3.27 18.65
N GLN C 250 -1.60 -4.31 18.23
CA GLN C 250 -2.97 -4.16 17.72
C GLN C 250 -3.92 -3.44 18.69
N LEU C 251 -3.75 -3.70 19.98
CA LEU C 251 -4.67 -3.20 21.01
C LEU C 251 -4.63 -1.67 21.16
N TYR C 252 -3.50 -1.03 20.85
CA TYR C 252 -3.37 0.43 20.91
C TYR C 252 -2.93 1.10 19.58
N ASN C 253 -3.14 0.40 18.46
CA ASN C 253 -2.85 0.95 17.13
C ASN C 253 -4.00 0.64 16.15
N PRO C 254 -4.21 1.50 15.14
CA PRO C 254 -5.39 1.37 14.26
C PRO C 254 -5.43 0.11 13.39
N VAL C 255 -6.65 -0.26 12.99
CA VAL C 255 -6.89 -1.38 12.09
C VAL C 255 -6.87 -0.88 10.65
N ARG C 256 -5.84 -1.27 9.90
CA ARG C 256 -5.68 -0.86 8.50
C ARG C 256 -6.36 -1.87 7.58
N TRP C 257 -7.69 -1.87 7.59
CA TRP C 257 -8.49 -2.84 6.83
C TRP C 257 -8.53 -2.54 5.33
N THR C 258 -8.49 -1.26 4.97
CA THR C 258 -8.41 -0.85 3.55
C THR C 258 -7.16 -1.43 2.89
N GLU C 259 -6.02 -1.31 3.57
CA GLU C 259 -4.75 -1.87 3.10
C GLU C 259 -4.73 -3.41 3.16
N THR C 260 -5.42 -4.00 4.14
CA THR C 260 -5.55 -5.45 4.25
C THR C 260 -6.32 -6.06 3.06
N VAL C 261 -7.42 -5.44 2.68
CA VAL C 261 -8.20 -5.87 1.50
C VAL C 261 -7.42 -5.62 0.21
N GLU C 262 -6.76 -4.47 0.12
CA GLU C 262 -5.87 -4.16 -1.01
C GLU C 262 -4.70 -5.14 -1.14
N PHE C 263 -4.14 -5.56 0.00
CA PHE C 263 -3.06 -6.56 0.03
C PHE C 263 -3.51 -7.90 -0.56
N ILE C 264 -4.70 -8.36 -0.17
CA ILE C 264 -5.26 -9.63 -0.64
C ILE C 264 -5.39 -9.64 -2.17
N THR C 265 -5.86 -8.54 -2.73
CA THR C 265 -5.99 -8.36 -4.18
C THR C 265 -4.65 -8.49 -4.92
N GLU C 266 -3.58 -7.96 -4.31
CA GLU C 266 -2.23 -8.04 -4.88
C GLU C 266 -1.64 -9.46 -4.91
N GLN C 267 -2.12 -10.33 -4.02
CA GLN C 267 -1.67 -11.74 -3.95
C GLN C 267 -2.35 -12.68 -4.96
N GLY C 268 -3.22 -12.16 -5.82
CA GLY C 268 -3.89 -12.95 -6.86
C GLY C 268 -5.20 -13.59 -6.44
N VAL C 269 -5.79 -13.08 -5.36
CA VAL C 269 -7.09 -13.55 -4.85
C VAL C 269 -8.21 -12.87 -5.64
N GLY C 270 -9.16 -13.67 -6.13
CA GLY C 270 -10.29 -13.16 -6.91
C GLY C 270 -11.62 -13.05 -6.19
N GLN C 271 -11.71 -13.58 -4.97
CA GLN C 271 -12.94 -13.55 -4.18
C GLN C 271 -12.66 -13.66 -2.68
N LEU C 272 -13.54 -13.07 -1.87
CA LEU C 272 -13.50 -13.18 -0.41
C LEU C 272 -14.70 -13.96 0.11
N LEU C 273 -14.60 -14.42 1.35
CA LEU C 273 -15.70 -15.10 2.04
C LEU C 273 -15.70 -14.73 3.52
N GLU C 274 -16.77 -14.08 3.98
CA GLU C 274 -16.91 -13.69 5.38
C GLU C 274 -17.30 -14.90 6.24
N ILE C 275 -16.30 -15.46 6.92
CA ILE C 275 -16.50 -16.65 7.75
C ILE C 275 -16.92 -16.20 9.16
N GLY C 276 -18.22 -16.05 9.35
CA GLY C 276 -18.79 -15.59 10.61
C GLY C 276 -20.18 -15.01 10.45
N PRO C 277 -20.70 -14.36 11.52
CA PRO C 277 -22.03 -13.75 11.46
C PRO C 277 -22.10 -12.47 10.63
N GLY C 278 -23.29 -12.17 10.13
CA GLY C 278 -23.57 -10.89 9.48
C GLY C 278 -22.92 -10.71 8.11
N ARG C 279 -23.01 -9.47 7.61
CA ARG C 279 -22.42 -9.07 6.34
C ARG C 279 -21.62 -7.77 6.54
N VAL C 280 -20.83 -7.70 7.60
CA VAL C 280 -20.14 -6.46 7.97
C VAL C 280 -18.95 -6.25 7.04
N LEU C 281 -18.03 -7.22 7.01
CA LEU C 281 -16.86 -7.18 6.14
C LEU C 281 -17.17 -7.35 4.65
N THR C 282 -18.29 -8.02 4.33
CA THR C 282 -18.73 -8.20 2.94
C THR C 282 -19.11 -6.88 2.27
N GLY C 283 -19.79 -6.01 3.01
CA GLY C 283 -20.18 -4.68 2.52
C GLY C 283 -19.04 -3.73 2.21
N LEU C 284 -17.90 -3.93 2.87
CA LEU C 284 -16.74 -3.04 2.72
C LEU C 284 -15.97 -3.29 1.43
N THR C 285 -15.84 -4.56 1.04
CA THR C 285 -15.15 -4.98 -0.20
C THR C 285 -15.66 -4.27 -1.45
N LYS C 286 -16.97 -4.00 -1.49
CA LYS C 286 -17.60 -3.28 -2.61
C LYS C 286 -17.11 -1.84 -2.69
N ARG C 287 -16.94 -1.22 -1.52
CA ARG C 287 -16.49 0.16 -1.40
C ARG C 287 -14.99 0.31 -1.71
N ILE C 288 -14.20 -0.70 -1.34
CA ILE C 288 -12.73 -0.65 -1.48
C ILE C 288 -12.25 -0.88 -2.92
N VAL C 289 -12.78 -1.90 -3.60
CA VAL C 289 -12.26 -2.33 -4.93
C VAL C 289 -13.31 -2.38 -6.05
N ASN C 290 -14.44 -3.04 -5.80
CA ASN C 290 -15.52 -3.25 -6.78
C ASN C 290 -15.17 -4.20 -7.95
N THR C 291 -14.04 -4.91 -7.86
CA THR C 291 -13.69 -5.98 -8.80
C THR C 291 -13.48 -7.31 -8.07
N LEU C 292 -13.88 -7.36 -6.79
CA LEU C 292 -13.60 -8.49 -5.90
C LEU C 292 -14.92 -8.99 -5.33
N SER C 293 -15.27 -10.24 -5.64
CA SER C 293 -16.51 -10.85 -5.17
C SER C 293 -16.43 -11.14 -3.68
N ALA C 294 -17.58 -11.10 -3.01
CA ALA C 294 -17.66 -11.32 -1.56
C ALA C 294 -19.03 -11.90 -1.17
N ALA C 295 -19.01 -13.14 -0.67
CA ALA C 295 -20.23 -13.85 -0.26
C ALA C 295 -20.14 -14.20 1.22
N ALA C 296 -21.10 -13.72 2.01
CA ALA C 296 -21.10 -13.91 3.46
C ALA C 296 -21.56 -15.31 3.85
N VAL C 297 -20.66 -16.07 4.49
CA VAL C 297 -20.96 -17.42 4.98
C VAL C 297 -21.44 -17.32 6.43
N ASN C 298 -22.76 -17.13 6.61
CA ASN C 298 -23.37 -16.97 7.95
C ASN C 298 -24.56 -17.91 8.26
N ASP C 299 -24.84 -18.86 7.37
CA ASP C 299 -25.98 -19.79 7.57
C ASP C 299 -25.83 -21.04 6.70
N THR C 300 -26.78 -21.98 6.83
CA THR C 300 -26.74 -23.27 6.12
C THR C 300 -26.79 -23.11 4.60
N ALA C 301 -27.71 -22.28 4.12
CA ALA C 301 -27.87 -22.00 2.69
C ALA C 301 -26.63 -21.31 2.12
N SER C 302 -26.06 -20.38 2.88
CA SER C 302 -24.84 -19.65 2.47
C SER C 302 -23.58 -20.51 2.48
N LEU C 303 -23.49 -21.44 3.43
CA LEU C 303 -22.33 -22.33 3.55
C LEU C 303 -22.23 -23.30 2.36
N ILE C 304 -23.33 -23.97 2.04
CA ILE C 304 -23.38 -24.91 0.91
C ILE C 304 -23.07 -24.23 -0.42
N THR C 305 -23.64 -23.04 -0.63
CA THR C 305 -23.36 -22.24 -1.83
C THR C 305 -21.88 -21.88 -1.94
N ALA C 306 -21.25 -21.55 -0.81
CA ALA C 306 -19.82 -21.23 -0.76
C ALA C 306 -18.93 -22.44 -1.05
N LEU C 307 -19.32 -23.61 -0.54
CA LEU C 307 -18.58 -24.86 -0.79
C LEU C 307 -18.62 -25.29 -2.25
N GLU C 308 -19.82 -25.24 -2.85
CA GLU C 308 -20.02 -25.69 -4.23
C GLU C 308 -19.51 -24.72 -5.29
N ASN C 309 -19.59 -23.42 -5.02
CA ASN C 309 -19.15 -22.38 -5.97
C ASN C 309 -17.64 -22.40 -6.22
N ASN C 310 -16.86 -22.59 -5.16
CA ASN C 310 -15.39 -22.62 -5.24
C ASN C 310 -14.80 -23.75 -4.41
#